data_3CZH
#
_entry.id   3CZH
#
_cell.length_a   137.361
_cell.length_b   163.393
_cell.length_c   152.289
_cell.angle_alpha   90.000
_cell.angle_beta   90.000
_cell.angle_gamma   90.000
#
_symmetry.space_group_name_H-M   'C 2 2 21'
#
loop_
_entity.id
_entity.type
_entity.pdbx_description
1 polymer 'Cytochrome P450 2R1'
2 branched Cycloheptakis-(1-4)-(alpha-D-glucopyranose)
3 non-polymer 'UNKNOWN ATOM OR ION'
4 non-polymer 'PROTOPORPHYRIN IX CONTAINING FE'
5 non-polymer (3S,5Z,7E,22E)-9,10-secoergosta-5,7,10,22-tetraen-3-ol
6 water water
#
_entity_poly.entity_id   1
_entity_poly.type   'polypeptide(L)'
_entity_poly.pdbx_seq_one_letter_code
;MAKKTKQRRPMGFPPGPPGLPFIGNIYSLAASSELPHVYMRKQSQVYGEIFSLDLGGISTVVLNGYDVVKECLVHQSEIF
ADRPCLPLFMKMTKMGGLLNSRYGRGWVDHRRLAVNSFRYFGYGQKSFESKILEETKFFNDAIETYKGRPFDFKQLITNA
VSNITNLIIFGERFTYEDTDFQHMIELFSENVELAASASVFLYNAFPWIGILPFGKHQQLFRNAAVVYDFLSRLIEKASV
NRKPQLPQHFVDAYLDEMDQGKNDPSSTFSKENLIFSVGELIIAGTETTTNVLRWAILFMALYPNIQGQVQKEIDLIMGP
NGKPSWDDKCKMPYTEAVLHEVLRFCNIVPLGIFHATSEDAVVRGYSIPKGTTVITNLYSVHFDEKYWRDPEVFHPERFL
DSSGYFAKKEALVPFSLGRRHCLGEHLARMEMFLFFTALLQRFHLHFPHELVPDLKPRLGMTLQPQPYLICAERRHHHHH
H
;
_entity_poly.pdbx_strand_id   A,B
#
loop_
_chem_comp.id
_chem_comp.type
_chem_comp.name
_chem_comp.formula
D2V non-polymer (3S,5Z,7E,22E)-9,10-secoergosta-5,7,10,22-tetraen-3-ol 'C28 H44 O'
GLC D-saccharide, alpha linking alpha-D-glucopyranose 'C6 H12 O6'
HEM non-polymer 'PROTOPORPHYRIN IX CONTAINING FE' 'C34 H32 Fe N4 O4'
UNX non-polymer 'UNKNOWN ATOM OR ION' ?
#
# COMPACT_ATOMS: atom_id res chain seq x y z
N GLY A 12 20.05 41.74 10.67
CA GLY A 12 19.67 40.37 11.12
C GLY A 12 18.68 39.68 10.17
N PHE A 13 17.73 38.98 10.75
CA PHE A 13 16.76 38.21 10.01
C PHE A 13 15.76 39.15 9.33
N PRO A 14 15.25 38.79 8.13
CA PRO A 14 14.27 39.66 7.51
C PRO A 14 13.02 39.81 8.35
N PRO A 15 12.34 40.97 8.28
CA PRO A 15 11.14 41.22 9.06
C PRO A 15 9.93 40.60 8.40
N GLY A 16 8.80 40.59 9.09
CA GLY A 16 7.60 40.03 8.52
C GLY A 16 6.40 40.20 9.41
N PRO A 17 5.22 39.78 8.95
CA PRO A 17 4.02 40.01 9.73
C PRO A 17 4.07 39.27 11.05
N PRO A 18 3.33 39.78 12.06
CA PRO A 18 3.20 39.08 13.31
C PRO A 18 2.06 38.07 13.29
N GLY A 19 2.20 37.03 14.11
CA GLY A 19 1.17 36.04 14.29
C GLY A 19 1.17 35.59 15.74
N LEU A 20 0.32 34.61 16.04
CA LEU A 20 0.10 34.21 17.41
C LEU A 20 1.30 33.40 17.94
N PRO A 21 1.54 33.41 19.28
CA PRO A 21 2.57 32.51 19.84
C PRO A 21 2.28 31.04 19.54
N PHE A 22 3.33 30.19 19.55
CA PHE A 22 3.20 28.76 19.21
C PHE A 22 3.06 28.60 17.66
N ILE A 23 1.88 28.95 17.12
CA ILE A 23 1.53 28.74 15.70
C ILE A 23 2.00 29.82 14.67
N GLY A 24 2.46 30.98 15.17
CA GLY A 24 2.99 32.05 14.33
C GLY A 24 2.07 32.43 13.19
N ASN A 25 2.63 32.48 11.99
CA ASN A 25 1.89 32.90 10.81
C ASN A 25 1.06 31.80 10.14
N ILE A 26 1.06 30.60 10.69
CA ILE A 26 0.09 29.58 10.25
C ILE A 26 -1.30 30.14 10.47
N TYR A 27 -1.48 30.86 11.58
CA TYR A 27 -2.74 31.55 11.83
C TYR A 27 -2.99 32.57 10.71
N SER A 28 -1.98 33.43 10.44
CA SER A 28 -2.07 34.49 9.40
C SER A 28 -2.55 33.91 8.04
N LEU A 29 -1.82 32.91 7.52
CA LEU A 29 -2.18 32.25 6.25
C LEU A 29 -3.60 31.64 6.31
N ALA A 30 -3.90 30.92 7.38
CA ALA A 30 -5.20 30.21 7.48
C ALA A 30 -6.41 31.16 7.62
N ALA A 31 -6.23 32.24 8.38
CA ALA A 31 -7.28 33.27 8.58
C ALA A 31 -7.55 34.09 7.30
N SER A 32 -6.53 34.25 6.47
CA SER A 32 -6.62 35.06 5.24
C SER A 32 -7.73 34.58 4.29
N SER A 33 -8.33 35.52 3.57
CA SER A 33 -9.27 35.18 2.48
C SER A 33 -8.53 34.83 1.20
N GLU A 34 -7.25 35.18 1.14
CA GLU A 34 -6.44 34.99 -0.02
C GLU A 34 -5.68 33.66 0.05
N LEU A 35 -5.42 33.07 -1.11
CA LEU A 35 -4.54 31.90 -1.20
C LEU A 35 -3.11 32.33 -0.79
N PRO A 36 -2.31 31.39 -0.24
CA PRO A 36 -0.97 31.70 0.32
C PRO A 36 -0.04 32.57 -0.53
N HIS A 37 0.01 32.35 -1.84
CA HIS A 37 0.92 33.10 -2.71
C HIS A 37 0.47 34.56 -2.91
N VAL A 38 -0.85 34.74 -2.90
CA VAL A 38 -1.47 36.05 -2.95
C VAL A 38 -1.21 36.79 -1.62
N TYR A 39 -1.55 36.13 -0.50
CA TYR A 39 -1.20 36.63 0.84
C TYR A 39 0.28 37.07 0.92
N MET A 40 1.19 36.25 0.40
CA MET A 40 2.63 36.57 0.48
C MET A 40 3.04 37.76 -0.40
N ARG A 41 2.41 37.89 -1.55
CA ARG A 41 2.72 39.00 -2.44
C ARG A 41 2.29 40.32 -1.77
N LYS A 42 1.08 40.33 -1.21
CA LYS A 42 0.57 41.49 -0.46
C LYS A 42 1.46 41.87 0.71
N GLN A 43 1.84 40.88 1.52
CA GLN A 43 2.79 41.14 2.61
C GLN A 43 4.12 41.68 2.13
N SER A 44 4.53 41.36 0.92
CA SER A 44 5.82 41.87 0.39
C SER A 44 5.74 43.37 0.05
N GLN A 45 4.55 43.83 -0.26
CA GLN A 45 4.29 45.25 -0.44
C GLN A 45 4.48 46.05 0.87
N VAL A 46 4.33 45.38 2.03
CA VAL A 46 4.49 45.99 3.37
C VAL A 46 5.91 45.80 3.89
N TYR A 47 6.44 44.56 3.88
CA TYR A 47 7.77 44.30 4.47
C TYR A 47 8.91 44.26 3.47
N GLY A 48 8.60 44.27 2.19
CA GLY A 48 9.66 44.19 1.16
C GLY A 48 9.74 42.85 0.45
N GLU A 49 10.64 42.80 -0.54
CA GLU A 49 10.79 41.68 -1.47
C GLU A 49 11.16 40.39 -0.75
N ILE A 50 12.01 40.51 0.26
CA ILE A 50 12.34 39.39 1.15
C ILE A 50 11.81 39.66 2.58
N PHE A 51 10.90 38.80 3.02
CA PHE A 51 10.30 38.90 4.36
C PHE A 51 10.22 37.50 5.00
N SER A 52 9.98 37.44 6.30
CA SER A 52 9.92 36.18 7.01
C SER A 52 8.51 35.84 7.48
N LEU A 53 8.29 34.56 7.60
CA LEU A 53 7.10 34.02 8.22
C LEU A 53 7.62 33.09 9.30
N ASP A 54 6.86 32.95 10.37
CA ASP A 54 7.13 31.94 11.36
C ASP A 54 6.02 30.92 11.26
N LEU A 55 6.33 29.74 10.74
CA LEU A 55 5.30 28.73 10.56
C LEU A 55 5.37 27.74 11.73
N GLY A 56 4.68 28.07 12.82
CA GLY A 56 4.62 27.24 14.03
C GLY A 56 5.98 26.97 14.64
N GLY A 57 6.89 27.92 14.49
CA GLY A 57 8.24 27.75 15.00
C GLY A 57 9.26 27.43 13.94
N ILE A 58 8.81 27.11 12.72
CA ILE A 58 9.75 26.88 11.62
C ILE A 58 10.00 28.24 10.95
N SER A 59 11.23 28.73 11.02
CA SER A 59 11.57 30.02 10.47
C SER A 59 11.81 29.89 8.96
N THR A 60 11.13 30.78 8.24
CA THR A 60 10.97 30.73 6.81
C THR A 60 11.16 32.12 6.26
N VAL A 61 11.83 32.22 5.11
CA VAL A 61 11.87 33.47 4.37
C VAL A 61 11.16 33.28 3.03
N VAL A 62 10.48 34.34 2.58
CA VAL A 62 9.76 34.35 1.29
C VAL A 62 10.45 35.31 0.34
N LEU A 63 10.67 34.84 -0.88
CA LEU A 63 11.33 35.62 -1.93
C LEU A 63 10.24 36.02 -2.90
N ASN A 64 10.13 37.33 -3.11
CA ASN A 64 9.08 37.90 -3.93
C ASN A 64 9.67 38.80 -5.01
N GLY A 65 9.10 38.71 -6.20
CA GLY A 65 9.56 39.47 -7.34
C GLY A 65 10.75 38.85 -8.01
N TYR A 66 10.89 39.16 -9.29
CA TYR A 66 11.97 38.60 -10.11
C TYR A 66 13.35 38.75 -9.53
N ASP A 67 13.71 39.97 -9.10
CA ASP A 67 15.11 40.31 -8.76
C ASP A 67 15.67 39.53 -7.55
N VAL A 68 14.90 39.42 -6.48
CA VAL A 68 15.37 38.71 -5.28
C VAL A 68 15.40 37.20 -5.52
N VAL A 69 14.43 36.68 -6.28
CA VAL A 69 14.40 35.27 -6.65
C VAL A 69 15.66 34.91 -7.47
N LYS A 70 15.96 35.72 -8.47
CA LYS A 70 17.16 35.51 -9.28
C LYS A 70 18.45 35.69 -8.46
N GLU A 71 18.44 36.63 -7.53
CA GLU A 71 19.64 36.90 -6.71
C GLU A 71 19.97 35.71 -5.82
N CYS A 72 18.94 35.01 -5.39
CA CYS A 72 19.12 33.84 -4.54
C CYS A 72 19.34 32.56 -5.34
N LEU A 73 18.41 32.21 -6.23
CA LEU A 73 18.48 30.93 -6.96
C LEU A 73 19.58 30.89 -8.01
N VAL A 74 19.94 32.05 -8.56
CA VAL A 74 20.97 32.10 -9.61
C VAL A 74 22.29 32.66 -9.12
N HIS A 75 22.31 33.84 -8.51
CA HIS A 75 23.62 34.45 -8.14
C HIS A 75 24.29 33.67 -7.01
N GLN A 76 23.47 33.16 -6.10
CA GLN A 76 23.92 32.35 -4.99
C GLN A 76 23.40 30.91 -5.14
N SER A 77 23.62 30.34 -6.34
CA SER A 77 22.95 29.11 -6.73
C SER A 77 23.19 27.92 -5.79
N GLU A 78 24.42 27.79 -5.30
CA GLU A 78 24.82 26.66 -4.44
C GLU A 78 24.25 26.79 -3.03
N ILE A 79 24.15 28.01 -2.56
CA ILE A 79 23.66 28.30 -1.23
C ILE A 79 22.17 28.05 -1.11
N PHE A 80 21.42 28.29 -2.17
CA PHE A 80 19.95 28.15 -2.09
C PHE A 80 19.40 26.88 -2.77
N ALA A 81 20.29 25.94 -3.08
CA ALA A 81 19.92 24.73 -3.84
C ALA A 81 19.46 23.57 -2.95
N ASP A 82 19.33 23.79 -1.64
CA ASP A 82 19.03 22.69 -0.73
C ASP A 82 17.52 22.58 -0.55
N ARG A 83 17.09 21.57 0.20
CA ARG A 83 15.67 21.37 0.58
C ARG A 83 15.49 21.38 2.10
N PRO A 84 14.34 21.88 2.59
CA PRO A 84 14.15 21.97 4.03
C PRO A 84 13.84 20.58 4.66
N CYS A 85 14.42 20.29 5.82
CA CYS A 85 14.17 19.01 6.50
C CYS A 85 12.90 19.06 7.28
N LEU A 86 11.79 19.27 6.60
CA LEU A 86 10.50 19.27 7.28
C LEU A 86 10.14 17.81 7.63
N PRO A 87 9.56 17.58 8.81
CA PRO A 87 9.09 16.25 9.19
C PRO A 87 8.35 15.44 8.09
N LEU A 88 7.45 16.07 7.34
CA LEU A 88 6.74 15.38 6.26
C LEU A 88 7.75 14.83 5.25
N PHE A 89 8.69 15.64 4.84
CA PHE A 89 9.66 15.22 3.83
C PHE A 89 10.61 14.13 4.35
N MET A 90 11.09 14.28 5.59
CA MET A 90 11.93 13.26 6.21
C MET A 90 11.18 11.94 6.29
N LYS A 91 9.91 11.99 6.62
CA LYS A 91 9.10 10.80 6.74
C LYS A 91 8.90 10.11 5.39
N MET A 92 8.76 10.91 4.33
CA MET A 92 8.34 10.38 3.04
C MET A 92 9.50 9.75 2.31
N THR A 93 10.60 10.50 2.19
CA THR A 93 11.73 10.10 1.36
C THR A 93 13.09 10.22 2.02
N LYS A 94 13.11 10.46 3.32
CA LYS A 94 14.33 10.66 4.09
C LYS A 94 15.29 11.71 3.49
N MET A 95 14.74 12.68 2.75
CA MET A 95 15.56 13.67 2.00
C MET A 95 16.57 12.99 1.04
N GLY A 96 16.20 11.80 0.57
CA GLY A 96 16.90 11.11 -0.49
C GLY A 96 16.13 11.31 -1.81
N GLY A 97 16.11 10.29 -2.66
CA GLY A 97 15.52 10.41 -4.01
C GLY A 97 16.12 11.58 -4.81
N LEU A 98 15.24 12.33 -5.48
CA LEU A 98 15.65 13.41 -6.37
C LEU A 98 15.02 14.77 -6.01
N LEU A 99 13.70 14.84 -6.11
CA LEU A 99 12.91 16.08 -5.89
C LEU A 99 13.15 16.77 -4.50
N ASN A 100 13.15 15.98 -3.43
CA ASN A 100 13.43 16.50 -2.08
C ASN A 100 14.77 16.03 -1.54
N SER A 101 15.69 15.68 -2.41
CA SER A 101 17.00 15.29 -1.97
C SER A 101 17.73 16.50 -1.42
N ARG A 102 18.50 16.31 -0.35
CA ARG A 102 19.41 17.31 0.09
C ARG A 102 20.33 17.64 -1.09
N TYR A 103 20.80 18.88 -1.17
CA TYR A 103 21.82 19.25 -2.13
C TYR A 103 23.11 18.54 -1.77
N GLY A 104 23.60 17.73 -2.70
CA GLY A 104 24.77 16.92 -2.46
C GLY A 104 24.97 15.88 -3.53
N ARG A 105 25.83 14.93 -3.22
CA ARG A 105 26.18 13.81 -4.11
C ARG A 105 25.00 12.98 -4.56
N GLY A 106 24.09 12.68 -3.65
CA GLY A 106 22.91 11.87 -4.00
C GLY A 106 22.03 12.56 -5.03
N TRP A 107 21.86 13.86 -4.84
CA TRP A 107 21.07 14.68 -5.75
C TRP A 107 21.75 14.74 -7.11
N VAL A 108 23.05 15.00 -7.10
CA VAL A 108 23.85 15.00 -8.33
C VAL A 108 23.73 13.69 -9.13
N ASP A 109 23.81 12.57 -8.41
CA ASP A 109 23.72 11.25 -9.00
C ASP A 109 22.38 11.02 -9.65
N HIS A 110 21.32 11.30 -8.89
CA HIS A 110 19.97 11.07 -9.38
C HIS A 110 19.55 12.06 -10.45
N ARG A 111 19.87 13.34 -10.24
CA ARG A 111 19.67 14.37 -11.25
C ARG A 111 20.32 13.99 -12.59
N ARG A 112 21.63 13.70 -12.58
CA ARG A 112 22.35 13.31 -13.79
C ARG A 112 21.71 12.12 -14.49
N LEU A 113 21.40 11.05 -13.74
CA LEU A 113 20.72 9.88 -14.30
C LEU A 113 19.36 10.23 -14.95
N ALA A 114 18.54 11.02 -14.27
CA ALA A 114 17.22 11.39 -14.79
C ALA A 114 17.31 12.26 -16.02
N VAL A 115 18.20 13.26 -16.01
CA VAL A 115 18.41 14.15 -17.16
C VAL A 115 18.89 13.36 -18.36
N ASN A 116 19.88 12.49 -18.16
CA ASN A 116 20.40 11.63 -19.25
C ASN A 116 19.37 10.62 -19.75
N SER A 117 18.57 10.07 -18.87
CA SER A 117 17.54 9.11 -19.28
C SER A 117 16.45 9.76 -20.08
N PHE A 118 16.10 10.99 -19.72
CA PHE A 118 15.06 11.70 -20.44
C PHE A 118 15.48 12.04 -21.88
N ARG A 119 16.74 12.40 -22.11
CA ARG A 119 17.25 12.56 -23.48
C ARG A 119 17.30 11.22 -24.20
N TYR A 120 18.03 10.28 -23.61
CA TYR A 120 18.39 9.05 -24.28
C TYR A 120 17.19 8.18 -24.58
N PHE A 121 16.33 7.96 -23.58
CA PHE A 121 15.12 7.16 -23.77
C PHE A 121 13.93 7.97 -24.26
N GLY A 122 14.10 9.28 -24.40
CA GLY A 122 13.00 10.15 -24.73
C GLY A 122 13.24 10.98 -25.96
N TYR A 123 13.34 12.28 -25.77
CA TYR A 123 13.30 13.23 -26.88
C TYR A 123 14.57 13.27 -27.72
N GLY A 124 15.62 12.60 -27.27
CA GLY A 124 16.84 12.47 -28.07
C GLY A 124 16.70 11.45 -29.20
N GLN A 125 15.65 10.64 -29.16
CA GLN A 125 15.36 9.63 -30.16
C GLN A 125 14.34 10.10 -31.20
N LYS A 126 14.68 9.90 -32.48
CA LYS A 126 13.84 10.28 -33.64
C LYS A 126 12.39 9.77 -33.55
N SER A 127 12.20 8.56 -33.05
CA SER A 127 10.86 8.00 -32.98
C SER A 127 9.96 8.56 -31.83
N PHE A 128 10.50 9.42 -30.99
CA PHE A 128 9.80 9.77 -29.74
C PHE A 128 8.58 10.65 -29.94
N GLU A 129 8.73 11.67 -30.77
CA GLU A 129 7.63 12.59 -31.09
C GLU A 129 6.42 11.85 -31.65
N SER A 130 6.67 10.85 -32.49
CA SER A 130 5.59 10.05 -33.04
C SER A 130 4.88 9.23 -31.96
N LYS A 131 5.60 8.83 -30.90
CA LYS A 131 4.95 8.22 -29.71
C LYS A 131 4.04 9.23 -28.96
N ILE A 132 4.44 10.50 -28.90
CA ILE A 132 3.56 11.55 -28.32
C ILE A 132 2.30 11.70 -29.16
N LEU A 133 2.49 11.83 -30.48
CA LEU A 133 1.36 11.92 -31.42
C LEU A 133 0.40 10.75 -31.32
N GLU A 134 0.94 9.54 -31.15
CA GLU A 134 0.06 8.37 -30.91
C GLU A 134 -0.77 8.56 -29.67
N GLU A 135 -0.16 9.14 -28.64
CA GLU A 135 -0.92 9.45 -27.43
C GLU A 135 -2.05 10.46 -27.68
N THR A 136 -1.77 11.52 -28.44
CA THR A 136 -2.81 12.52 -28.80
C THR A 136 -3.97 11.86 -29.56
N LYS A 137 -3.65 10.87 -30.41
CA LYS A 137 -4.69 10.12 -31.13
C LYS A 137 -5.55 9.26 -30.17
N PHE A 138 -4.90 8.47 -29.32
CA PHE A 138 -5.63 7.75 -28.24
C PHE A 138 -6.50 8.72 -27.43
N PHE A 139 -5.91 9.85 -27.06
CA PHE A 139 -6.60 10.90 -26.30
C PHE A 139 -7.80 11.51 -27.08
N ASN A 140 -7.56 12.01 -28.29
CA ASN A 140 -8.69 12.57 -29.11
C ASN A 140 -9.79 11.58 -29.44
N ASP A 141 -9.43 10.33 -29.72
CA ASP A 141 -10.43 9.26 -29.94
C ASP A 141 -11.32 9.05 -28.74
N ALA A 142 -10.74 9.11 -27.54
CA ALA A 142 -11.51 8.96 -26.30
C ALA A 142 -12.47 10.12 -26.11
N ILE A 143 -11.98 11.35 -26.42
CA ILE A 143 -12.82 12.55 -26.38
C ILE A 143 -14.01 12.41 -27.34
N GLU A 144 -13.72 11.95 -28.55
CA GLU A 144 -14.75 11.79 -29.58
C GLU A 144 -15.91 10.85 -29.15
N THR A 145 -15.62 9.82 -28.32
CA THR A 145 -16.64 8.82 -27.90
C THR A 145 -17.81 9.43 -27.11
N TYR A 146 -17.58 10.61 -26.51
CA TYR A 146 -18.63 11.32 -25.78
C TYR A 146 -19.62 12.03 -26.70
N LYS A 147 -19.27 12.11 -28.00
CA LYS A 147 -20.17 12.65 -29.03
C LYS A 147 -20.72 14.02 -28.67
N GLY A 148 -19.84 14.93 -28.24
CA GLY A 148 -20.23 16.31 -27.98
C GLY A 148 -20.98 16.57 -26.69
N ARG A 149 -21.31 15.51 -25.95
CA ARG A 149 -21.95 15.63 -24.64
C ARG A 149 -20.93 16.13 -23.61
N PRO A 150 -21.39 16.90 -22.61
CA PRO A 150 -20.50 17.50 -21.62
C PRO A 150 -19.82 16.49 -20.68
N PHE A 151 -18.52 16.67 -20.44
CA PHE A 151 -17.80 15.82 -19.49
C PHE A 151 -16.52 16.48 -18.94
N ASP A 152 -16.02 15.91 -17.84
CA ASP A 152 -14.79 16.36 -17.19
C ASP A 152 -13.58 15.69 -17.85
N PHE A 153 -12.67 16.51 -18.38
CA PHE A 153 -11.46 16.04 -19.07
C PHE A 153 -10.35 15.54 -18.14
N LYS A 154 -10.47 15.80 -16.85
CA LYS A 154 -9.36 15.58 -15.92
C LYS A 154 -8.74 14.18 -16.04
N GLN A 155 -9.58 13.15 -15.99
CA GLN A 155 -9.07 11.77 -16.04
C GLN A 155 -8.31 11.50 -17.34
N LEU A 156 -8.95 11.76 -18.48
CA LEU A 156 -8.33 11.48 -19.78
C LEU A 156 -7.02 12.21 -19.95
N ILE A 157 -6.98 13.51 -19.62
CA ILE A 157 -5.72 14.28 -19.71
C ILE A 157 -4.64 13.65 -18.84
N THR A 158 -5.00 13.28 -17.62
CA THR A 158 -4.05 12.64 -16.70
C THR A 158 -3.46 11.35 -17.25
N ASN A 159 -4.32 10.47 -17.77
CA ASN A 159 -3.87 9.24 -18.46
C ASN A 159 -2.88 9.58 -19.57
N ALA A 160 -3.31 10.45 -20.49
CA ALA A 160 -2.52 10.79 -21.65
C ALA A 160 -1.15 11.32 -21.28
N VAL A 161 -1.08 12.29 -20.39
CA VAL A 161 0.19 12.92 -20.01
C VAL A 161 1.11 11.97 -19.22
N SER A 162 0.54 11.21 -18.27
CA SER A 162 1.36 10.26 -17.49
C SER A 162 2.01 9.26 -18.43
N ASN A 163 1.28 8.82 -19.46
CA ASN A 163 1.85 7.91 -20.47
C ASN A 163 3.13 8.39 -21.15
N ILE A 164 3.31 9.67 -21.36
CA ILE A 164 4.58 10.10 -22.01
C ILE A 164 5.78 9.75 -21.13
N THR A 165 5.65 9.95 -19.83
CA THR A 165 6.77 9.69 -18.94
C THR A 165 6.89 8.20 -18.67
N ASN A 166 5.76 7.50 -18.61
CA ASN A 166 5.75 6.01 -18.53
C ASN A 166 6.64 5.35 -19.60
N LEU A 167 6.66 5.91 -20.81
CA LEU A 167 7.48 5.42 -21.89
C LEU A 167 8.94 5.51 -21.55
N ILE A 168 9.35 6.62 -20.92
CA ILE A 168 10.75 6.84 -20.52
C ILE A 168 11.16 6.00 -19.30
N ILE A 169 10.21 5.81 -18.39
CA ILE A 169 10.52 5.22 -17.10
C ILE A 169 10.33 3.71 -17.14
N PHE A 170 9.20 3.27 -17.67
CA PHE A 170 8.82 1.86 -17.68
C PHE A 170 8.93 1.22 -19.06
N GLY A 171 9.27 2.01 -20.09
CA GLY A 171 9.41 1.51 -21.46
C GLY A 171 8.09 1.22 -22.17
N GLU A 172 6.97 1.62 -21.57
CA GLU A 172 5.67 1.37 -22.19
C GLU A 172 4.62 2.37 -21.71
N ARG A 173 3.54 2.48 -22.48
CA ARG A 173 2.36 3.21 -22.07
C ARG A 173 1.41 2.20 -21.45
N PHE A 174 0.45 2.70 -20.65
CA PHE A 174 -0.59 1.88 -20.06
C PHE A 174 -1.91 2.36 -20.62
N THR A 175 -2.87 1.45 -20.78
CA THR A 175 -4.12 1.78 -21.46
C THR A 175 -5.00 2.60 -20.54
N TYR A 176 -6.02 3.25 -21.12
CA TYR A 176 -6.93 4.08 -20.36
C TYR A 176 -7.95 3.25 -19.59
N GLU A 177 -7.86 1.93 -19.68
CA GLU A 177 -8.68 1.06 -18.80
C GLU A 177 -7.87 0.56 -17.57
N ASP A 178 -6.60 0.95 -17.47
CA ASP A 178 -5.74 0.56 -16.36
C ASP A 178 -6.10 1.33 -15.09
N THR A 179 -7.23 0.95 -14.47
CA THR A 179 -7.75 1.66 -13.31
C THR A 179 -6.90 1.53 -12.05
N ASP A 180 -5.99 0.55 -12.00
CA ASP A 180 -5.10 0.38 -10.86
C ASP A 180 -4.00 1.43 -10.90
N PHE A 181 -3.44 1.66 -12.08
CA PHE A 181 -2.44 2.73 -12.21
C PHE A 181 -3.10 4.10 -11.93
N GLN A 182 -4.34 4.28 -12.41
CA GLN A 182 -5.03 5.54 -12.26
C GLN A 182 -5.39 5.82 -10.82
N HIS A 183 -5.61 4.76 -10.05
CA HIS A 183 -5.89 4.85 -8.65
C HIS A 183 -4.65 5.30 -7.85
N MET A 184 -3.49 4.72 -8.16
CA MET A 184 -2.24 5.15 -7.57
C MET A 184 -2.00 6.66 -7.82
N ILE A 185 -2.22 7.11 -9.04
CA ILE A 185 -2.02 8.52 -9.37
C ILE A 185 -2.98 9.45 -8.65
N GLU A 186 -4.21 9.01 -8.48
CA GLU A 186 -5.22 9.77 -7.76
C GLU A 186 -4.82 9.99 -6.29
N LEU A 187 -4.26 8.95 -5.65
CA LEU A 187 -3.81 9.06 -4.26
C LEU A 187 -2.57 9.92 -4.16
N PHE A 188 -1.68 9.78 -5.11
CA PHE A 188 -0.45 10.57 -5.14
C PHE A 188 -0.80 12.07 -5.31
N SER A 189 -1.76 12.36 -6.19
CA SER A 189 -2.24 13.75 -6.42
C SER A 189 -2.95 14.33 -5.22
N GLU A 190 -3.75 13.52 -4.56
CA GLU A 190 -4.34 13.93 -3.31
C GLU A 190 -3.22 14.40 -2.35
N ASN A 191 -2.13 13.63 -2.25
CA ASN A 191 -1.00 13.97 -1.38
C ASN A 191 -0.36 15.30 -1.76
N VAL A 192 -0.27 15.61 -3.04
CA VAL A 192 0.29 16.92 -3.47
C VAL A 192 -0.64 18.06 -2.97
N GLU A 193 -1.93 17.84 -3.01
CA GLU A 193 -2.90 18.78 -2.49
C GLU A 193 -2.84 18.89 -0.94
N LEU A 194 -2.85 17.75 -0.25
CA LEU A 194 -2.77 17.70 1.22
C LEU A 194 -1.49 18.34 1.76
N ALA A 195 -0.39 18.26 1.02
CA ALA A 195 0.88 18.87 1.42
C ALA A 195 0.75 20.40 1.68
N ALA A 196 -0.25 21.03 1.07
CA ALA A 196 -0.53 22.46 1.23
C ALA A 196 -1.48 22.80 2.39
N SER A 197 -2.12 21.80 3.01
CA SER A 197 -3.15 22.07 4.02
C SER A 197 -2.56 22.65 5.34
N ALA A 198 -3.42 23.30 6.11
CA ALA A 198 -3.05 23.81 7.43
C ALA A 198 -2.66 22.63 8.33
N SER A 199 -3.38 21.52 8.17
CA SER A 199 -3.11 20.29 8.93
C SER A 199 -1.64 19.87 8.85
N VAL A 200 -1.07 19.93 7.64
CA VAL A 200 0.31 19.51 7.41
C VAL A 200 1.32 20.58 7.80
N PHE A 201 0.98 21.84 7.57
CA PHE A 201 1.81 22.93 8.12
C PHE A 201 1.93 22.80 9.66
N LEU A 202 0.83 22.47 10.32
CA LEU A 202 0.81 22.20 11.76
C LEU A 202 1.57 20.93 12.12
N TYR A 203 1.39 19.85 11.33
CA TYR A 203 2.17 18.61 11.52
C TYR A 203 3.68 18.87 11.48
N ASN A 204 4.16 19.65 10.50
CA ASN A 204 5.61 19.93 10.40
C ASN A 204 6.12 20.76 11.59
N ALA A 205 5.25 21.63 12.12
CA ALA A 205 5.56 22.46 13.30
C ALA A 205 5.60 21.59 14.55
N PHE A 206 4.53 20.78 14.71
CA PHE A 206 4.33 19.95 15.90
C PHE A 206 4.15 18.47 15.50
N PRO A 207 5.27 17.78 15.18
CA PRO A 207 5.17 16.41 14.60
C PRO A 207 4.54 15.37 15.54
N TRP A 208 4.46 15.69 16.83
CA TRP A 208 3.74 14.85 17.80
C TRP A 208 2.24 14.71 17.49
N ILE A 209 1.72 15.57 16.62
CA ILE A 209 0.35 15.49 16.09
C ILE A 209 0.09 14.15 15.37
N GLY A 210 1.15 13.50 14.91
CA GLY A 210 1.09 12.12 14.40
C GLY A 210 0.44 11.10 15.35
N ILE A 211 0.43 11.39 16.65
CA ILE A 211 -0.29 10.56 17.64
C ILE A 211 -1.80 10.59 17.39
N LEU A 212 -2.33 11.69 16.81
CA LEU A 212 -3.77 11.80 16.55
C LEU A 212 -4.14 10.98 15.31
N PRO A 213 -5.14 10.10 15.43
CA PRO A 213 -5.54 9.18 14.36
C PRO A 213 -6.39 9.78 13.22
N PHE A 214 -7.13 10.86 13.48
CA PHE A 214 -7.94 11.50 12.46
C PHE A 214 -7.25 12.75 11.91
N GLY A 215 -7.50 13.07 10.66
CA GLY A 215 -6.94 14.27 10.07
C GLY A 215 -6.32 14.03 8.72
N LYS A 216 -5.95 15.12 8.08
CA LYS A 216 -5.42 15.06 6.73
C LYS A 216 -3.99 14.52 6.68
N HIS A 217 -3.28 14.69 7.77
CA HIS A 217 -1.93 14.15 7.89
C HIS A 217 -1.93 12.58 7.83
N GLN A 218 -2.91 11.93 8.49
CA GLN A 218 -3.02 10.46 8.45
C GLN A 218 -3.53 9.98 7.09
N GLN A 219 -4.42 10.75 6.48
CA GLN A 219 -4.83 10.48 5.09
C GLN A 219 -3.61 10.52 4.12
N LEU A 220 -2.71 11.47 4.31
CA LEU A 220 -1.47 11.56 3.52
C LEU A 220 -0.52 10.39 3.76
N PHE A 221 -0.37 9.97 5.00
CA PHE A 221 0.59 8.92 5.34
C PHE A 221 0.11 7.57 4.81
N ARG A 222 -1.19 7.34 4.95
CA ARG A 222 -1.85 6.15 4.43
C ARG A 222 -1.75 6.07 2.91
N ASN A 223 -2.07 7.18 2.22
CA ASN A 223 -1.90 7.27 0.76
C ASN A 223 -0.47 6.97 0.33
N ALA A 224 0.49 7.53 1.06
CA ALA A 224 1.89 7.38 0.66
C ALA A 224 2.37 5.93 0.80
N ALA A 225 1.78 5.17 1.75
CA ALA A 225 2.15 3.75 1.92
C ALA A 225 1.59 2.96 0.76
N VAL A 226 0.31 3.18 0.43
CA VAL A 226 -0.30 2.54 -0.73
C VAL A 226 0.50 2.81 -2.05
N VAL A 227 0.84 4.09 -2.28
CA VAL A 227 1.56 4.50 -3.48
C VAL A 227 2.95 3.86 -3.56
N TYR A 228 3.66 3.88 -2.43
CA TYR A 228 4.97 3.26 -2.34
C TYR A 228 4.96 1.79 -2.77
N ASP A 229 4.02 1.02 -2.25
CA ASP A 229 3.94 -0.40 -2.56
C ASP A 229 3.66 -0.58 -4.05
N PHE A 230 2.63 0.09 -4.55
CA PHE A 230 2.30 0.05 -5.98
C PHE A 230 3.50 0.36 -6.85
N LEU A 231 4.20 1.45 -6.54
CA LEU A 231 5.41 1.85 -7.32
C LEU A 231 6.52 0.79 -7.29
N SER A 232 6.75 0.15 -6.15
CA SER A 232 7.78 -0.88 -6.10
C SER A 232 7.39 -2.09 -6.95
N ARG A 233 6.09 -2.37 -7.07
CA ARG A 233 5.61 -3.47 -7.89
C ARG A 233 5.66 -3.19 -9.39
N LEU A 234 5.41 -1.95 -9.79
CA LEU A 234 5.64 -1.50 -11.15
C LEU A 234 7.11 -1.61 -11.51
N ILE A 235 7.98 -1.19 -10.59
CA ILE A 235 9.44 -1.20 -10.83
C ILE A 235 9.97 -2.64 -10.96
N GLU A 236 9.49 -3.57 -10.11
CA GLU A 236 9.83 -5.01 -10.23
C GLU A 236 9.45 -5.58 -11.59
N LYS A 237 8.20 -5.37 -11.99
CA LYS A 237 7.73 -5.82 -13.30
C LYS A 237 8.52 -5.21 -14.48
N ALA A 238 8.89 -3.94 -14.38
CA ALA A 238 9.64 -3.25 -15.44
C ALA A 238 11.09 -3.76 -15.52
N SER A 239 11.55 -4.44 -14.48
CA SER A 239 12.91 -4.96 -14.44
C SER A 239 13.02 -6.47 -14.79
N VAL A 240 11.88 -7.17 -14.91
CA VAL A 240 11.83 -8.62 -15.21
C VAL A 240 12.80 -9.04 -16.36
N ASN A 241 12.58 -8.52 -17.56
CA ASN A 241 13.41 -8.91 -18.73
C ASN A 241 14.65 -8.03 -18.93
N ARG A 242 15.22 -7.52 -17.84
CA ARG A 242 16.35 -6.62 -17.93
C ARG A 242 17.58 -7.32 -18.51
N LYS A 243 18.34 -6.57 -19.31
CA LYS A 243 19.63 -7.01 -19.85
C LYS A 243 20.72 -6.05 -19.36
N PRO A 244 21.50 -6.49 -18.35
CA PRO A 244 22.58 -5.66 -17.79
C PRO A 244 23.42 -4.90 -18.82
N GLN A 245 23.68 -3.63 -18.50
CA GLN A 245 24.43 -2.68 -19.34
C GLN A 245 23.76 -2.37 -20.70
N LEU A 246 22.57 -2.94 -20.95
CA LEU A 246 21.76 -2.63 -22.15
C LEU A 246 20.33 -2.21 -21.73
N PRO A 247 20.20 -1.04 -21.06
CA PRO A 247 18.91 -0.60 -20.49
C PRO A 247 17.88 -0.18 -21.54
N GLN A 248 16.61 -0.47 -21.29
CA GLN A 248 15.53 -0.05 -22.16
C GLN A 248 14.80 1.18 -21.63
N HIS A 249 15.09 1.57 -20.39
CA HIS A 249 14.35 2.65 -19.72
C HIS A 249 15.06 3.10 -18.43
N PHE A 250 14.48 4.06 -17.72
CA PHE A 250 15.12 4.66 -16.55
C PHE A 250 15.32 3.63 -15.45
N VAL A 251 14.36 2.73 -15.27
CA VAL A 251 14.50 1.69 -14.27
C VAL A 251 15.73 0.78 -14.54
N ASP A 252 15.87 0.28 -15.78
CA ASP A 252 17.04 -0.54 -16.18
C ASP A 252 18.31 0.23 -15.99
N ALA A 253 18.28 1.51 -16.37
CA ALA A 253 19.44 2.37 -16.23
C ALA A 253 19.79 2.58 -14.77
N TYR A 254 18.77 2.68 -13.92
CA TYR A 254 19.03 2.83 -12.47
C TYR A 254 19.70 1.56 -11.92
N LEU A 255 19.16 0.40 -12.30
CA LEU A 255 19.70 -0.87 -11.90
C LEU A 255 21.17 -1.06 -12.39
N ASP A 256 21.48 -0.59 -13.60
CA ASP A 256 22.87 -0.59 -14.06
C ASP A 256 23.76 0.18 -13.11
N GLU A 257 23.26 1.33 -12.65
CA GLU A 257 24.01 2.20 -11.74
C GLU A 257 24.31 1.52 -10.41
N MET A 258 23.31 0.83 -9.88
CA MET A 258 23.45 0.09 -8.64
C MET A 258 24.49 -1.02 -8.78
N ASP A 259 24.51 -1.68 -9.95
CA ASP A 259 25.52 -2.72 -10.23
C ASP A 259 26.92 -2.13 -10.30
N GLN A 260 27.10 -1.00 -10.97
CA GLN A 260 28.42 -0.38 -11.08
C GLN A 260 28.93 0.17 -9.75
N GLY A 261 28.03 0.48 -8.83
CA GLY A 261 28.41 0.99 -7.52
C GLY A 261 28.34 -0.04 -6.39
N LYS A 262 28.21 -1.33 -6.75
CA LYS A 262 28.10 -2.43 -5.76
C LYS A 262 29.21 -2.40 -4.70
N ASN A 263 30.43 -2.09 -5.13
CA ASN A 263 31.59 -2.07 -4.23
C ASN A 263 31.94 -0.69 -3.66
N ASP A 264 31.26 0.36 -4.15
CA ASP A 264 31.36 1.69 -3.53
C ASP A 264 30.33 1.79 -2.41
N PRO A 265 30.79 1.94 -1.15
CA PRO A 265 29.83 1.96 -0.06
C PRO A 265 29.08 3.29 0.05
N SER A 266 29.70 4.38 -0.43
CA SER A 266 29.08 5.70 -0.43
C SER A 266 28.19 5.94 -1.68
N SER A 267 28.09 4.95 -2.56
CA SER A 267 27.12 4.97 -3.68
C SER A 267 25.72 5.26 -3.13
N THR A 268 25.02 6.18 -3.78
CA THR A 268 23.74 6.68 -3.29
C THR A 268 22.54 5.93 -3.89
N PHE A 269 22.77 5.16 -4.97
CA PHE A 269 21.70 4.43 -5.64
C PHE A 269 21.23 3.28 -4.77
N SER A 270 19.92 3.12 -4.65
CA SER A 270 19.35 2.16 -3.75
C SER A 270 17.95 1.82 -4.23
N LYS A 271 17.42 0.69 -3.77
CA LYS A 271 16.05 0.29 -4.08
C LYS A 271 15.02 1.34 -3.62
N GLU A 272 15.25 1.91 -2.43
CA GLU A 272 14.41 2.98 -1.88
C GLU A 272 14.41 4.22 -2.78
N ASN A 273 15.61 4.64 -3.12
CA ASN A 273 15.83 5.82 -3.88
C ASN A 273 15.36 5.71 -5.32
N LEU A 274 15.31 4.46 -5.84
CA LEU A 274 14.65 4.16 -7.10
C LEU A 274 13.15 4.36 -7.01
N ILE A 275 12.55 3.90 -5.93
CA ILE A 275 11.06 4.08 -5.74
C ILE A 275 10.74 5.58 -5.58
N PHE A 276 11.51 6.29 -4.76
CA PHE A 276 11.31 7.71 -4.52
C PHE A 276 11.49 8.53 -5.80
N SER A 277 12.62 8.35 -6.48
CA SER A 277 12.93 9.12 -7.69
C SER A 277 11.92 8.85 -8.83
N VAL A 278 11.49 7.59 -9.00
CA VAL A 278 10.44 7.23 -9.95
C VAL A 278 9.10 7.89 -9.61
N GLY A 279 8.66 7.73 -8.37
CA GLY A 279 7.43 8.37 -7.89
C GLY A 279 7.45 9.88 -8.14
N GLU A 280 8.60 10.50 -7.91
CA GLU A 280 8.77 11.94 -8.06
C GLU A 280 8.69 12.38 -9.52
N LEU A 281 9.43 11.69 -10.39
CA LEU A 281 9.34 11.89 -11.83
C LEU A 281 7.90 11.70 -12.37
N ILE A 282 7.19 10.71 -11.87
CA ILE A 282 5.80 10.47 -12.28
C ILE A 282 4.83 11.58 -11.83
N ILE A 283 4.84 11.93 -10.55
CA ILE A 283 3.90 12.94 -10.05
C ILE A 283 4.28 14.37 -10.53
N ALA A 284 5.57 14.68 -10.63
CA ALA A 284 6.00 16.01 -11.10
C ALA A 284 5.40 16.29 -12.45
N GLY A 285 5.47 15.30 -13.34
CA GLY A 285 5.04 15.49 -14.70
C GLY A 285 3.55 15.46 -14.86
N THR A 286 2.95 14.44 -14.27
CA THR A 286 1.52 14.24 -14.37
C THR A 286 0.71 15.38 -13.75
N GLU A 287 1.01 15.77 -12.52
CA GLU A 287 0.31 16.88 -11.85
C GLU A 287 0.42 18.18 -12.61
N THR A 288 1.63 18.58 -12.97
CA THR A 288 1.86 19.88 -13.52
C THR A 288 1.32 20.03 -14.97
N THR A 289 1.82 19.21 -15.89
CA THR A 289 1.38 19.29 -17.30
C THR A 289 -0.12 19.12 -17.46
N THR A 290 -0.69 18.17 -16.73
CA THR A 290 -2.13 17.99 -16.72
C THR A 290 -2.83 19.33 -16.41
N ASN A 291 -2.37 20.00 -15.37
CA ASN A 291 -3.05 21.20 -14.88
C ASN A 291 -2.89 22.38 -15.84
N VAL A 292 -1.74 22.46 -16.50
CA VAL A 292 -1.53 23.46 -17.53
C VAL A 292 -2.52 23.32 -18.67
N LEU A 293 -2.73 22.09 -19.13
CA LEU A 293 -3.72 21.81 -20.17
C LEU A 293 -5.13 22.04 -19.71
N ARG A 294 -5.42 21.71 -18.46
CA ARG A 294 -6.78 21.90 -17.92
C ARG A 294 -7.13 23.40 -17.80
N TRP A 295 -6.15 24.20 -17.41
CA TRP A 295 -6.30 25.66 -17.39
C TRP A 295 -6.45 26.24 -18.81
N ALA A 296 -5.63 25.79 -19.74
CA ALA A 296 -5.71 26.23 -21.14
C ALA A 296 -7.08 25.97 -21.78
N ILE A 297 -7.59 24.76 -21.60
CA ILE A 297 -8.89 24.39 -22.12
C ILE A 297 -10.02 25.27 -21.52
N LEU A 298 -9.97 25.49 -20.21
CA LEU A 298 -10.92 26.37 -19.51
C LEU A 298 -10.90 27.78 -20.15
N PHE A 299 -9.71 28.36 -20.30
CA PHE A 299 -9.59 29.68 -20.89
C PHE A 299 -9.96 29.73 -22.39
N MET A 300 -9.68 28.66 -23.14
CA MET A 300 -10.10 28.62 -24.55
C MET A 300 -11.62 28.54 -24.69
N ALA A 301 -12.26 27.74 -23.84
CA ALA A 301 -13.73 27.67 -23.82
C ALA A 301 -14.30 29.03 -23.34
N LEU A 302 -13.66 29.64 -22.35
CA LEU A 302 -14.08 30.96 -21.82
C LEU A 302 -13.97 32.09 -22.84
N TYR A 303 -12.90 32.06 -23.62
CA TYR A 303 -12.57 33.11 -24.59
C TYR A 303 -12.48 32.55 -26.00
N PRO A 304 -13.65 32.25 -26.62
CA PRO A 304 -13.70 31.62 -27.94
C PRO A 304 -12.98 32.36 -29.05
N ASN A 305 -12.85 33.68 -28.94
CA ASN A 305 -12.06 34.44 -29.92
C ASN A 305 -10.59 34.14 -29.86
N ILE A 306 -10.08 33.82 -28.67
CA ILE A 306 -8.69 33.44 -28.53
C ILE A 306 -8.52 32.02 -29.06
N GLN A 307 -9.42 31.10 -28.64
CA GLN A 307 -9.48 29.73 -29.16
C GLN A 307 -9.48 29.72 -30.68
N GLY A 308 -10.27 30.62 -31.29
CA GLY A 308 -10.38 30.73 -32.75
C GLY A 308 -9.14 31.25 -33.43
N GLN A 309 -8.42 32.20 -32.83
CA GLN A 309 -7.11 32.62 -33.39
C GLN A 309 -6.11 31.46 -33.41
N VAL A 310 -6.13 30.64 -32.35
CA VAL A 310 -5.22 29.51 -32.28
C VAL A 310 -5.58 28.54 -33.39
N GLN A 311 -6.85 28.23 -33.53
CA GLN A 311 -7.31 27.33 -34.58
C GLN A 311 -7.04 27.88 -36.00
N LYS A 312 -7.20 29.19 -36.18
CA LYS A 312 -6.83 29.84 -37.42
C LYS A 312 -5.37 29.54 -37.80
N GLU A 313 -4.48 29.70 -36.85
CA GLU A 313 -3.05 29.46 -37.02
C GLU A 313 -2.68 27.98 -37.27
N ILE A 314 -3.41 27.08 -36.60
CA ILE A 314 -3.27 25.63 -36.81
C ILE A 314 -3.60 25.27 -38.25
N ASP A 315 -4.78 25.70 -38.71
CA ASP A 315 -5.23 25.52 -40.10
C ASP A 315 -4.25 26.07 -41.12
N LEU A 316 -3.71 27.25 -40.87
CA LEU A 316 -2.75 27.84 -41.79
C LEU A 316 -1.49 26.98 -41.90
N ILE A 317 -0.97 26.55 -40.74
CA ILE A 317 0.38 25.99 -40.64
C ILE A 317 0.37 24.46 -40.69
N MET A 318 -0.55 23.85 -39.97
CA MET A 318 -0.64 22.39 -39.91
C MET A 318 -1.59 21.88 -40.97
N GLY A 319 -2.53 22.71 -41.39
CA GLY A 319 -3.66 22.25 -42.17
C GLY A 319 -4.65 21.59 -41.24
N PRO A 320 -5.92 21.47 -41.66
CA PRO A 320 -6.95 20.81 -40.83
C PRO A 320 -6.80 19.27 -40.67
N ASN A 321 -5.98 18.65 -41.53
CA ASN A 321 -5.74 17.19 -41.47
C ASN A 321 -4.26 16.81 -41.23
N GLY A 322 -3.35 17.78 -41.29
CA GLY A 322 -1.92 17.52 -41.07
C GLY A 322 -1.56 17.20 -39.63
N LYS A 323 -0.57 16.32 -39.47
CA LYS A 323 -0.14 15.85 -38.16
C LYS A 323 0.68 16.95 -37.47
N PRO A 324 0.25 17.38 -36.27
CA PRO A 324 1.03 18.34 -35.50
C PRO A 324 2.44 17.86 -35.29
N SER A 325 3.38 18.78 -35.41
CA SER A 325 4.77 18.52 -35.23
C SER A 325 5.42 19.65 -34.42
N TRP A 326 6.38 19.28 -33.59
CA TRP A 326 7.10 20.20 -32.73
C TRP A 326 7.84 21.25 -33.53
N ASP A 327 8.28 20.87 -34.75
CA ASP A 327 8.98 21.80 -35.66
C ASP A 327 8.08 22.92 -36.19
N ASP A 328 6.77 22.71 -36.18
CA ASP A 328 5.79 23.76 -36.51
C ASP A 328 5.74 24.94 -35.51
N LYS A 329 6.30 24.74 -34.32
CA LYS A 329 6.18 25.68 -33.20
C LYS A 329 6.67 27.07 -33.57
N CYS A 330 7.80 27.14 -34.26
CA CYS A 330 8.40 28.41 -34.67
C CYS A 330 7.57 29.20 -35.71
N LYS A 331 6.63 28.53 -36.35
CA LYS A 331 5.69 29.18 -37.29
C LYS A 331 4.33 29.44 -36.64
N MET A 332 4.24 29.24 -35.32
CA MET A 332 2.97 29.34 -34.60
C MET A 332 3.11 30.22 -33.36
N PRO A 333 3.46 31.51 -33.55
CA PRO A 333 3.75 32.46 -32.45
C PRO A 333 2.55 32.71 -31.54
N TYR A 334 1.36 32.72 -32.09
CA TYR A 334 0.17 32.98 -31.28
C TYR A 334 -0.21 31.81 -30.38
N THR A 335 -0.03 30.60 -30.90
CA THR A 335 -0.22 29.38 -30.09
C THR A 335 0.77 29.36 -28.92
N GLU A 336 2.02 29.70 -29.21
CA GLU A 336 3.06 29.75 -28.22
C GLU A 336 2.76 30.84 -27.19
N ALA A 337 2.28 31.99 -27.64
CA ALA A 337 1.91 33.11 -26.76
C ALA A 337 0.84 32.69 -25.78
N VAL A 338 -0.15 31.96 -26.26
CA VAL A 338 -1.26 31.51 -25.39
C VAL A 338 -0.80 30.54 -24.31
N LEU A 339 0.12 29.63 -24.68
CA LEU A 339 0.62 28.64 -23.76
C LEU A 339 1.48 29.29 -22.68
N HIS A 340 2.35 30.20 -23.06
CA HIS A 340 3.14 30.93 -22.10
C HIS A 340 2.28 31.82 -21.14
N GLU A 341 1.21 32.38 -21.67
CA GLU A 341 0.34 33.23 -20.88
C GLU A 341 -0.52 32.41 -19.90
N VAL A 342 -0.90 31.20 -20.26
CA VAL A 342 -1.46 30.25 -19.28
C VAL A 342 -0.46 29.96 -18.12
N LEU A 343 0.83 29.81 -18.45
CA LEU A 343 1.86 29.54 -17.47
C LEU A 343 2.08 30.73 -16.54
N ARG A 344 2.26 31.93 -17.15
CA ARG A 344 2.35 33.19 -16.38
C ARG A 344 1.11 33.50 -15.55
N PHE A 345 -0.06 33.39 -16.16
CA PHE A 345 -1.30 33.79 -15.50
C PHE A 345 -1.80 32.79 -14.45
N CYS A 346 -1.79 31.49 -14.79
CA CYS A 346 -2.47 30.50 -13.94
C CYS A 346 -1.55 29.88 -12.88
N ASN A 347 -0.24 30.06 -13.05
CA ASN A 347 0.75 29.67 -12.03
C ASN A 347 0.52 28.28 -11.43
N ILE A 348 0.81 27.25 -12.22
CA ILE A 348 0.51 25.87 -11.82
C ILE A 348 1.35 25.46 -10.59
N VAL A 349 2.58 25.94 -10.51
CA VAL A 349 3.39 25.76 -9.29
C VAL A 349 3.67 27.14 -8.72
N PRO A 350 2.74 27.67 -7.92
CA PRO A 350 2.79 29.09 -7.51
C PRO A 350 3.98 29.45 -6.61
N LEU A 351 4.33 28.55 -5.71
CA LEU A 351 5.37 28.76 -4.70
C LEU A 351 6.54 27.83 -4.90
N GLY A 352 6.76 27.43 -6.15
CA GLY A 352 7.79 26.44 -6.49
C GLY A 352 7.71 25.19 -5.62
N ILE A 353 8.88 24.65 -5.31
CA ILE A 353 9.02 23.62 -4.31
C ILE A 353 9.93 24.30 -3.31
N PHE A 354 9.71 24.08 -2.00
CA PHE A 354 10.47 24.84 -1.01
C PHE A 354 11.94 24.55 -1.11
N HIS A 355 12.73 25.59 -1.00
CA HIS A 355 14.18 25.46 -0.90
C HIS A 355 14.60 25.59 0.56
N ALA A 356 15.90 25.47 0.80
CA ALA A 356 16.53 25.78 2.07
C ALA A 356 17.93 26.28 1.78
N THR A 357 18.52 26.99 2.72
CA THR A 357 19.93 27.41 2.61
C THR A 357 20.81 26.25 3.02
N SER A 358 21.81 25.94 2.19
CA SER A 358 22.77 24.87 2.49
C SER A 358 23.90 25.38 3.40
N GLU A 359 23.97 26.68 3.59
CA GLU A 359 24.87 27.27 4.58
C GLU A 359 24.36 28.64 4.96
N ASP A 360 24.97 29.24 5.98
CA ASP A 360 24.58 30.58 6.42
C ASP A 360 24.69 31.52 5.23
N ALA A 361 23.63 32.27 4.97
CA ALA A 361 23.58 33.15 3.79
C ALA A 361 23.38 34.58 4.21
N VAL A 362 23.87 35.51 3.40
CA VAL A 362 23.55 36.93 3.55
C VAL A 362 22.98 37.43 2.23
N VAL A 363 21.76 37.94 2.26
CA VAL A 363 21.10 38.46 1.08
C VAL A 363 20.56 39.84 1.35
N ARG A 364 21.03 40.83 0.58
CA ARG A 364 20.61 42.24 0.71
C ARG A 364 20.68 42.75 2.14
N GLY A 365 21.72 42.35 2.85
CA GLY A 365 21.93 42.80 4.22
C GLY A 365 21.33 41.91 5.31
N TYR A 366 20.39 41.02 4.93
CA TYR A 366 19.73 40.13 5.89
C TYR A 366 20.47 38.83 6.01
N SER A 367 20.65 38.37 7.24
CA SER A 367 21.26 37.07 7.49
C SER A 367 20.19 35.98 7.42
N ILE A 368 20.50 34.90 6.69
CA ILE A 368 19.61 33.74 6.59
C ILE A 368 20.42 32.49 7.02
N PRO A 369 20.20 31.99 8.26
CA PRO A 369 20.96 30.85 8.77
C PRO A 369 20.73 29.56 7.98
N LYS A 370 21.76 28.73 7.94
CA LYS A 370 21.69 27.41 7.36
C LYS A 370 20.40 26.65 7.74
N GLY A 371 19.77 26.00 6.75
CA GLY A 371 18.58 25.18 6.99
C GLY A 371 17.24 25.91 7.03
N THR A 372 17.28 27.24 7.06
CA THR A 372 16.05 28.03 6.92
C THR A 372 15.28 27.65 5.64
N THR A 373 13.96 27.45 5.78
CA THR A 373 13.13 27.20 4.64
C THR A 373 13.05 28.46 3.82
N VAL A 374 13.14 28.33 2.49
CA VAL A 374 13.05 29.46 1.57
C VAL A 374 11.97 29.19 0.55
N ILE A 375 10.91 30.01 0.60
CA ILE A 375 9.82 29.95 -0.35
C ILE A 375 10.07 30.93 -1.50
N THR A 376 10.09 30.40 -2.73
CA THR A 376 10.21 31.21 -3.94
C THR A 376 8.81 31.44 -4.46
N ASN A 377 8.31 32.67 -4.29
CA ASN A 377 6.98 33.02 -4.73
C ASN A 377 7.06 33.32 -6.23
N LEU A 378 6.84 32.27 -7.03
CA LEU A 378 7.01 32.36 -8.49
C LEU A 378 5.86 33.16 -9.07
N TYR A 379 4.69 33.02 -8.46
CA TYR A 379 3.56 33.89 -8.71
C TYR A 379 3.90 35.40 -8.63
N SER A 380 4.59 35.80 -7.57
CA SER A 380 5.00 37.21 -7.41
C SER A 380 5.97 37.67 -8.52
N VAL A 381 6.67 36.74 -9.16
CA VAL A 381 7.56 37.04 -10.30
C VAL A 381 6.73 37.31 -11.55
N HIS A 382 5.71 36.49 -11.75
CA HIS A 382 4.83 36.56 -12.91
C HIS A 382 3.85 37.72 -12.84
N PHE A 383 3.65 38.23 -11.62
CA PHE A 383 2.85 39.41 -11.40
C PHE A 383 3.72 40.59 -10.95
N ASP A 384 5.00 40.57 -11.28
CA ASP A 384 5.94 41.63 -10.90
C ASP A 384 5.80 42.84 -11.85
N GLU A 385 5.25 43.94 -11.32
CA GLU A 385 4.91 45.12 -12.10
C GLU A 385 6.13 45.88 -12.58
N LYS A 386 7.29 45.64 -12.00
CA LYS A 386 8.53 46.12 -12.63
C LYS A 386 8.73 45.50 -14.03
N TYR A 387 8.25 44.28 -14.24
CA TYR A 387 8.53 43.54 -15.48
C TYR A 387 7.33 43.26 -16.34
N TRP A 388 6.13 43.39 -15.80
CA TRP A 388 4.92 43.08 -16.55
C TRP A 388 3.97 44.25 -16.47
N ARG A 389 3.29 44.53 -17.58
CA ARG A 389 2.26 45.57 -17.64
C ARG A 389 0.90 44.92 -17.40
N ASP A 390 0.15 45.40 -16.40
CA ASP A 390 -1.16 44.80 -16.08
C ASP A 390 -1.09 43.27 -15.96
N PRO A 391 -0.23 42.77 -15.05
CA PRO A 391 -0.09 41.32 -14.94
C PRO A 391 -1.39 40.62 -14.56
N GLU A 392 -2.34 41.35 -13.96
CA GLU A 392 -3.63 40.76 -13.57
C GLU A 392 -4.55 40.47 -14.76
N VAL A 393 -4.14 40.87 -15.96
CA VAL A 393 -4.93 40.64 -17.16
C VAL A 393 -4.35 39.42 -17.93
N PHE A 394 -5.23 38.50 -18.33
CA PHE A 394 -4.87 37.42 -19.23
C PHE A 394 -4.81 37.98 -20.65
N HIS A 395 -3.61 38.01 -21.23
CA HIS A 395 -3.41 38.69 -22.49
C HIS A 395 -2.26 38.07 -23.30
N PRO A 396 -2.56 36.99 -24.07
CA PRO A 396 -1.54 36.28 -24.86
C PRO A 396 -0.68 37.20 -25.71
N GLU A 397 -1.30 38.27 -26.21
CA GLU A 397 -0.61 39.20 -27.11
C GLU A 397 0.56 39.95 -26.46
N ARG A 398 0.62 39.95 -25.14
CA ARG A 398 1.81 40.51 -24.43
C ARG A 398 3.10 39.80 -24.80
N PHE A 399 2.98 38.58 -25.32
CA PHE A 399 4.15 37.79 -25.70
C PHE A 399 4.52 37.93 -27.17
N LEU A 400 3.84 38.77 -27.93
CA LEU A 400 4.17 38.99 -29.33
C LEU A 400 4.98 40.27 -29.50
N ASP A 401 5.97 40.23 -30.40
CA ASP A 401 6.77 41.44 -30.72
C ASP A 401 6.11 42.23 -31.85
N SER A 402 6.68 43.37 -32.21
CA SER A 402 6.06 44.25 -33.21
C SER A 402 5.99 43.62 -34.61
N SER A 403 6.68 42.51 -34.83
CA SER A 403 6.51 41.76 -36.09
C SER A 403 5.56 40.55 -35.96
N GLY A 404 4.92 40.39 -34.80
CA GLY A 404 3.96 39.26 -34.60
C GLY A 404 4.58 37.92 -34.19
N TYR A 405 5.88 37.93 -33.86
CA TYR A 405 6.61 36.72 -33.41
C TYR A 405 6.69 36.62 -31.89
N PHE A 406 6.65 35.38 -31.40
CA PHE A 406 6.76 35.12 -29.97
C PHE A 406 8.06 35.68 -29.37
N ALA A 407 7.93 36.42 -28.25
CA ALA A 407 9.08 37.09 -27.62
C ALA A 407 9.30 36.50 -26.25
N LYS A 408 10.47 35.91 -26.00
CA LYS A 408 10.74 35.36 -24.66
C LYS A 408 11.09 36.45 -23.64
N LYS A 409 10.58 36.25 -22.43
CA LYS A 409 10.63 37.21 -21.35
C LYS A 409 11.47 36.62 -20.23
N GLU A 410 12.42 37.40 -19.73
CA GLU A 410 13.28 36.96 -18.62
C GLU A 410 12.49 36.61 -17.35
N ALA A 411 11.51 37.45 -16.99
CA ALA A 411 10.74 37.27 -15.73
C ALA A 411 9.58 36.26 -15.84
N LEU A 412 9.66 35.35 -16.79
CA LEU A 412 8.74 34.23 -16.84
C LEU A 412 9.54 33.02 -16.39
N VAL A 413 9.20 32.46 -15.23
CA VAL A 413 9.96 31.36 -14.60
C VAL A 413 9.05 30.26 -14.02
N PRO A 414 8.11 29.75 -14.82
CA PRO A 414 7.17 28.72 -14.33
C PRO A 414 7.83 27.38 -14.01
N PHE A 415 9.06 27.20 -14.48
CA PHE A 415 9.90 26.03 -14.23
C PHE A 415 11.04 26.32 -13.21
N SER A 416 10.94 27.46 -12.52
CA SER A 416 11.93 27.93 -11.57
C SER A 416 13.29 28.24 -12.23
N LEU A 417 14.32 28.39 -11.42
CA LEU A 417 15.63 28.84 -11.87
C LEU A 417 16.65 28.18 -10.98
N GLY A 418 17.90 28.26 -11.37
CA GLY A 418 19.01 27.79 -10.54
C GLY A 418 19.25 26.29 -10.67
N ARG A 419 19.92 25.71 -9.68
CA ARG A 419 20.35 24.30 -9.72
C ARG A 419 19.22 23.29 -9.78
N ARG A 420 18.13 23.60 -9.08
CA ARG A 420 16.97 22.74 -8.99
C ARG A 420 15.92 23.00 -10.05
N HIS A 421 16.22 23.84 -11.03
CA HIS A 421 15.23 24.17 -12.05
C HIS A 421 14.64 22.89 -12.68
N CYS A 422 13.41 22.98 -13.12
CA CYS A 422 12.71 21.84 -13.64
C CYS A 422 13.51 21.04 -14.66
N LEU A 423 13.74 19.80 -14.29
CA LEU A 423 14.36 18.77 -15.12
C LEU A 423 13.51 18.37 -16.34
N GLY A 424 12.20 18.45 -16.20
CA GLY A 424 11.30 17.99 -17.24
C GLY A 424 10.77 19.07 -18.16
N GLU A 425 11.41 20.23 -18.16
CA GLU A 425 10.89 21.42 -18.88
C GLU A 425 10.73 21.19 -20.39
N HIS A 426 11.78 20.71 -21.03
CA HIS A 426 11.72 20.45 -22.46
C HIS A 426 10.61 19.47 -22.80
N LEU A 427 10.54 18.35 -22.10
CA LEU A 427 9.48 17.38 -22.36
C LEU A 427 8.09 17.97 -22.13
N ALA A 428 7.92 18.76 -21.08
CA ALA A 428 6.59 19.34 -20.74
C ALA A 428 6.13 20.30 -21.84
N ARG A 429 7.06 21.06 -22.40
CA ARG A 429 6.80 22.01 -23.47
C ARG A 429 6.35 21.34 -24.74
N MET A 430 7.01 20.23 -25.09
CA MET A 430 6.57 19.39 -26.23
C MET A 430 5.17 18.82 -25.99
N GLU A 431 4.94 18.28 -24.81
CA GLU A 431 3.63 17.70 -24.49
C GLU A 431 2.52 18.75 -24.55
N MET A 432 2.74 19.89 -23.91
CA MET A 432 1.77 20.99 -23.91
C MET A 432 1.41 21.42 -25.33
N PHE A 433 2.43 21.64 -26.16
CA PHE A 433 2.24 22.09 -27.53
C PHE A 433 1.48 21.05 -28.38
N LEU A 434 1.99 19.82 -28.38
CA LEU A 434 1.45 18.76 -29.23
C LEU A 434 0.02 18.35 -28.80
N PHE A 435 -0.25 18.31 -27.48
CA PHE A 435 -1.61 17.95 -26.99
C PHE A 435 -2.65 19.06 -27.25
N PHE A 436 -2.25 20.31 -27.02
CA PHE A 436 -3.08 21.50 -27.22
C PHE A 436 -3.50 21.68 -28.66
N THR A 437 -2.52 21.58 -29.56
CA THR A 437 -2.72 21.75 -30.99
C THR A 437 -3.47 20.58 -31.59
N ALA A 438 -3.13 19.37 -31.18
CA ALA A 438 -3.87 18.21 -31.70
C ALA A 438 -5.31 18.30 -31.26
N LEU A 439 -5.53 18.74 -30.04
CA LEU A 439 -6.90 18.88 -29.51
C LEU A 439 -7.69 19.99 -30.22
N LEU A 440 -7.08 21.17 -30.38
CA LEU A 440 -7.78 22.32 -30.98
C LEU A 440 -7.91 22.19 -32.51
N GLN A 441 -7.04 21.40 -33.12
CA GLN A 441 -7.16 21.06 -34.54
C GLN A 441 -8.44 20.31 -34.81
N ARG A 442 -8.75 19.36 -33.94
CA ARG A 442 -9.86 18.43 -34.17
C ARG A 442 -11.21 18.87 -33.56
N PHE A 443 -11.20 19.61 -32.45
CA PHE A 443 -12.45 20.01 -31.78
C PHE A 443 -12.58 21.51 -31.52
N HIS A 444 -13.84 21.94 -31.46
CA HIS A 444 -14.22 23.21 -30.91
C HIS A 444 -14.70 22.93 -29.48
N LEU A 445 -14.22 23.73 -28.55
CA LEU A 445 -14.47 23.52 -27.12
C LEU A 445 -15.31 24.65 -26.54
N HIS A 446 -16.36 24.30 -25.81
CA HIS A 446 -17.20 25.28 -25.14
C HIS A 446 -17.88 24.63 -23.96
N PHE A 447 -18.44 25.46 -23.09
CA PHE A 447 -19.15 24.99 -21.91
C PHE A 447 -20.58 24.60 -22.26
N PRO A 448 -21.19 23.70 -21.43
CA PRO A 448 -22.58 23.32 -21.65
C PRO A 448 -23.51 24.49 -21.32
N HIS A 449 -24.54 24.71 -22.14
CA HIS A 449 -25.52 25.80 -21.92
C HIS A 449 -24.82 27.13 -21.62
N GLU A 450 -23.62 27.30 -22.19
CA GLU A 450 -22.71 28.44 -21.92
C GLU A 450 -22.41 28.70 -20.42
N LEU A 451 -22.64 27.69 -19.57
CA LEU A 451 -22.67 27.85 -18.09
C LEU A 451 -21.48 28.61 -17.48
N VAL A 452 -21.73 29.23 -16.33
CA VAL A 452 -20.77 30.10 -15.64
C VAL A 452 -19.77 29.25 -14.82
N PRO A 453 -18.52 29.12 -15.31
CA PRO A 453 -17.54 28.27 -14.62
C PRO A 453 -16.73 29.04 -13.56
N ASP A 454 -16.29 28.34 -12.51
CA ASP A 454 -15.48 28.93 -11.44
C ASP A 454 -13.99 28.93 -11.81
N LEU A 455 -13.35 30.09 -11.78
CA LEU A 455 -11.94 30.24 -12.14
C LEU A 455 -11.00 30.39 -10.93
N LYS A 456 -11.56 30.37 -9.72
CA LYS A 456 -10.76 30.38 -8.50
C LYS A 456 -10.08 29.00 -8.32
N PRO A 457 -8.74 28.98 -8.23
CA PRO A 457 -8.05 27.70 -8.02
C PRO A 457 -8.29 27.02 -6.67
N ARG A 458 -8.09 25.70 -6.65
CA ARG A 458 -8.06 24.96 -5.41
C ARG A 458 -6.75 25.23 -4.67
N LEU A 459 -6.80 25.21 -3.36
CA LEU A 459 -5.58 25.19 -2.54
C LEU A 459 -4.82 23.85 -2.73
N GLY A 460 -3.55 23.94 -3.15
CA GLY A 460 -2.66 22.76 -3.22
C GLY A 460 -1.23 23.23 -3.46
N MET A 461 -0.27 22.30 -3.53
CA MET A 461 1.12 22.68 -3.94
C MET A 461 1.22 23.01 -5.43
N THR A 462 0.26 22.50 -6.19
CA THR A 462 -0.04 23.01 -7.52
C THR A 462 -1.44 23.62 -7.59
N LEU A 463 -1.64 24.54 -8.54
CA LEU A 463 -2.96 25.15 -8.71
C LEU A 463 -3.71 24.42 -9.80
N GLN A 464 -4.88 23.91 -9.48
CA GLN A 464 -5.72 23.26 -10.46
C GLN A 464 -7.11 23.86 -10.39
N PRO A 465 -7.85 23.85 -11.50
CA PRO A 465 -9.22 24.37 -11.43
C PRO A 465 -10.16 23.45 -10.67
N GLN A 466 -11.28 24.00 -10.21
CA GLN A 466 -12.35 23.18 -9.68
C GLN A 466 -12.92 22.38 -10.88
N PRO A 467 -13.58 21.24 -10.62
CA PRO A 467 -14.16 20.43 -11.71
C PRO A 467 -15.09 21.20 -12.63
N TYR A 468 -14.88 21.08 -13.94
CA TYR A 468 -15.72 21.72 -14.94
C TYR A 468 -15.97 20.81 -16.14
N LEU A 469 -17.18 20.87 -16.69
CA LEU A 469 -17.54 20.13 -17.88
C LEU A 469 -17.23 20.93 -19.13
N ILE A 470 -16.87 20.24 -20.21
CA ILE A 470 -16.65 20.86 -21.52
C ILE A 470 -17.24 19.97 -22.62
N CYS A 471 -17.78 20.63 -23.66
CA CYS A 471 -18.27 19.95 -24.86
C CYS A 471 -17.23 20.08 -25.94
N ALA A 472 -16.79 18.95 -26.47
CA ALA A 472 -15.83 18.94 -27.55
C ALA A 472 -16.58 18.51 -28.80
N GLU A 473 -16.66 19.42 -29.78
CA GLU A 473 -17.38 19.13 -31.02
C GLU A 473 -16.43 19.10 -32.21
N ARG A 474 -16.49 18.01 -32.99
CA ARG A 474 -15.64 17.87 -34.18
C ARG A 474 -15.81 19.09 -35.08
N ARG A 475 -14.71 19.55 -35.66
CA ARG A 475 -14.71 20.76 -36.46
C ARG A 475 -14.93 20.46 -37.94
N HIS A 476 -14.06 19.65 -38.51
CA HIS A 476 -14.06 19.43 -39.97
C HIS A 476 -15.02 18.28 -40.35
N PHE B 13 -7.74 -11.90 42.19
CA PHE B 13 -7.08 -11.95 40.85
C PHE B 13 -5.91 -12.95 40.88
N PRO B 14 -5.79 -13.80 39.82
CA PRO B 14 -4.72 -14.82 39.81
C PRO B 14 -3.31 -14.23 39.94
N PRO B 15 -2.38 -15.00 40.56
CA PRO B 15 -1.01 -14.55 40.73
C PRO B 15 -0.18 -14.82 39.50
N GLY B 16 1.00 -14.23 39.41
CA GLY B 16 1.87 -14.45 38.29
C GLY B 16 3.26 -13.89 38.47
N PRO B 17 4.12 -14.07 37.46
CA PRO B 17 5.52 -13.71 37.62
C PRO B 17 5.72 -12.21 37.78
N PRO B 18 6.63 -11.80 38.67
CA PRO B 18 6.93 -10.39 38.76
C PRO B 18 7.71 -9.99 37.53
N GLY B 19 7.40 -8.82 36.98
CA GLY B 19 8.16 -8.27 35.87
C GLY B 19 8.86 -6.98 36.26
N LEU B 20 9.18 -6.18 35.26
CA LEU B 20 9.80 -4.88 35.47
C LEU B 20 8.71 -3.82 35.66
N PRO B 21 9.04 -2.71 36.36
CA PRO B 21 8.05 -1.65 36.41
C PRO B 21 7.68 -1.15 35.00
N PHE B 22 6.42 -0.78 34.82
CA PHE B 22 5.92 -0.18 33.58
C PHE B 22 5.66 -1.19 32.45
N ILE B 23 6.71 -1.88 32.00
CA ILE B 23 6.62 -2.83 30.91
C ILE B 23 6.14 -4.21 31.38
N GLY B 24 6.22 -4.47 32.68
CA GLY B 24 5.77 -5.73 33.27
C GLY B 24 6.52 -6.89 32.70
N ASN B 25 5.76 -7.92 32.28
CA ASN B 25 6.32 -9.18 31.75
C ASN B 25 6.54 -9.19 30.22
N ILE B 26 6.23 -8.08 29.52
CA ILE B 26 6.29 -8.04 28.05
C ILE B 26 7.56 -8.67 27.43
N TYR B 27 8.73 -8.28 27.91
CA TYR B 27 10.00 -8.68 27.25
C TYR B 27 10.45 -10.10 27.56
N SER B 28 10.04 -10.64 28.71
CA SER B 28 10.24 -12.05 29.03
C SER B 28 9.29 -12.95 28.22
N LEU B 29 8.07 -12.46 28.03
CA LEU B 29 7.11 -13.13 27.16
C LEU B 29 7.56 -13.17 25.67
N ALA B 30 7.70 -11.99 25.06
CA ALA B 30 7.83 -11.86 23.60
C ALA B 30 9.25 -11.68 23.06
N ALA B 31 10.23 -11.50 23.93
CA ALA B 31 11.57 -11.07 23.47
C ALA B 31 12.74 -11.94 23.95
N SER B 32 12.45 -13.07 24.59
CA SER B 32 13.51 -13.98 25.04
C SER B 32 13.77 -15.09 23.99
N SER B 33 14.65 -16.03 24.32
CA SER B 33 14.90 -17.22 23.48
C SER B 33 13.75 -18.24 23.57
N GLU B 34 13.18 -18.42 24.76
CA GLU B 34 11.98 -19.25 24.92
C GLU B 34 10.75 -18.54 24.33
N LEU B 35 10.04 -19.22 23.43
CA LEU B 35 8.86 -18.67 22.78
C LEU B 35 7.72 -18.49 23.78
N PRO B 36 6.82 -17.52 23.52
CA PRO B 36 5.76 -17.17 24.45
C PRO B 36 5.03 -18.32 25.08
N HIS B 37 4.52 -19.26 24.25
CA HIS B 37 3.69 -20.41 24.73
C HIS B 37 4.46 -21.32 25.68
N VAL B 38 5.77 -21.44 25.44
CA VAL B 38 6.67 -22.23 26.26
C VAL B 38 6.93 -21.50 27.60
N TYR B 39 7.17 -20.20 27.54
CA TYR B 39 7.30 -19.38 28.74
C TYR B 39 6.04 -19.48 29.62
N MET B 40 4.87 -19.40 29.00
CA MET B 40 3.62 -19.47 29.76
C MET B 40 3.37 -20.82 30.41
N ARG B 41 3.86 -21.89 29.80
CA ARG B 41 3.69 -23.23 30.35
C ARG B 41 4.65 -23.47 31.53
N LYS B 42 5.84 -22.87 31.45
CA LYS B 42 6.78 -22.90 32.58
C LYS B 42 6.25 -22.12 33.80
N GLN B 43 5.49 -21.05 33.54
CA GLN B 43 4.88 -20.24 34.60
C GLN B 43 3.65 -20.90 35.17
N SER B 44 3.02 -21.77 34.39
CA SER B 44 1.89 -22.55 34.90
C SER B 44 2.41 -23.63 35.86
N GLN B 45 3.65 -24.06 35.69
CA GLN B 45 4.27 -25.03 36.60
C GLN B 45 4.54 -24.41 37.99
N VAL B 46 4.76 -23.09 38.04
CA VAL B 46 5.04 -22.36 39.28
C VAL B 46 3.77 -21.84 39.90
N TYR B 47 2.92 -21.17 39.11
CA TYR B 47 1.74 -20.46 39.61
C TYR B 47 0.41 -21.19 39.40
N GLY B 48 0.42 -22.27 38.63
CA GLY B 48 -0.79 -23.09 38.41
C GLY B 48 -1.47 -22.90 37.06
N GLU B 49 -2.64 -23.55 36.92
CA GLU B 49 -3.38 -23.62 35.65
C GLU B 49 -3.90 -22.28 35.16
N ILE B 50 -4.34 -21.43 36.09
CA ILE B 50 -4.71 -20.06 35.75
C ILE B 50 -3.78 -19.07 36.48
N PHE B 51 -3.07 -18.23 35.70
CA PHE B 51 -2.17 -17.23 36.25
C PHE B 51 -2.29 -15.94 35.49
N SER B 52 -1.72 -14.86 36.04
CA SER B 52 -1.85 -13.54 35.43
C SER B 52 -0.52 -13.02 34.89
N LEU B 53 -0.61 -12.13 33.92
CA LEU B 53 0.57 -11.43 33.37
C LEU B 53 0.26 -9.96 33.38
N ASP B 54 1.29 -9.15 33.54
CA ASP B 54 1.14 -7.71 33.37
C ASP B 54 1.82 -7.29 32.09
N LEU B 55 1.03 -6.95 31.09
CA LEU B 55 1.54 -6.61 29.79
C LEU B 55 1.52 -5.10 29.61
N GLY B 56 2.50 -4.44 30.24
CA GLY B 56 2.60 -2.99 30.25
C GLY B 56 1.34 -2.32 30.79
N GLY B 57 0.68 -2.94 31.75
CA GLY B 57 -0.49 -2.35 32.39
C GLY B 57 -1.81 -2.95 31.99
N ILE B 58 -1.79 -3.80 30.96
CA ILE B 58 -2.99 -4.53 30.54
C ILE B 58 -3.08 -5.83 31.35
N SER B 59 -4.16 -5.95 32.10
CA SER B 59 -4.38 -7.12 32.97
C SER B 59 -4.77 -8.32 32.09
N THR B 60 -3.95 -9.36 32.15
CA THR B 60 -4.09 -10.53 31.29
C THR B 60 -4.03 -11.80 32.13
N VAL B 61 -4.99 -12.72 31.93
CA VAL B 61 -4.91 -14.07 32.51
C VAL B 61 -4.55 -15.12 31.44
N VAL B 62 -3.73 -16.10 31.83
CA VAL B 62 -3.41 -17.21 30.95
C VAL B 62 -4.06 -18.49 31.47
N LEU B 63 -4.90 -19.12 30.62
CA LEU B 63 -5.48 -20.43 30.89
C LEU B 63 -4.58 -21.53 30.31
N ASN B 64 -4.20 -22.49 31.17
CA ASN B 64 -3.27 -23.55 30.82
C ASN B 64 -3.86 -24.95 31.15
N GLY B 65 -3.55 -25.93 30.31
CA GLY B 65 -4.09 -27.29 30.46
C GLY B 65 -5.54 -27.41 30.03
N TYR B 66 -5.97 -28.63 29.74
CA TYR B 66 -7.30 -28.85 29.15
C TYR B 66 -8.45 -28.40 30.04
N ASP B 67 -8.36 -28.72 31.33
CA ASP B 67 -9.49 -28.57 32.27
C ASP B 67 -9.96 -27.13 32.42
N VAL B 68 -9.01 -26.23 32.63
CA VAL B 68 -9.32 -24.81 32.85
C VAL B 68 -9.72 -24.10 31.54
N VAL B 69 -9.04 -24.46 30.44
CA VAL B 69 -9.43 -23.97 29.10
C VAL B 69 -10.89 -24.36 28.76
N LYS B 70 -11.23 -25.62 29.04
CA LYS B 70 -12.61 -26.13 28.88
C LYS B 70 -13.58 -25.42 29.80
N GLU B 71 -13.24 -25.38 31.09
CA GLU B 71 -14.09 -24.70 32.09
C GLU B 71 -14.56 -23.32 31.60
N CYS B 72 -13.63 -22.53 31.07
CA CYS B 72 -13.92 -21.16 30.63
C CYS B 72 -14.58 -21.06 29.27
N LEU B 73 -14.02 -21.74 28.27
CA LEU B 73 -14.48 -21.60 26.87
C LEU B 73 -15.78 -22.33 26.58
N VAL B 74 -16.01 -23.47 27.25
CA VAL B 74 -17.22 -24.26 27.04
C VAL B 74 -18.27 -24.00 28.15
N HIS B 75 -17.88 -24.18 29.41
CA HIS B 75 -18.85 -24.10 30.52
C HIS B 75 -19.27 -22.68 30.85
N GLN B 76 -18.33 -21.73 30.70
CA GLN B 76 -18.64 -20.27 30.80
C GLN B 76 -18.48 -19.60 29.43
N SER B 77 -18.87 -20.32 28.38
CA SER B 77 -18.73 -19.87 26.99
C SER B 77 -19.25 -18.46 26.70
N GLU B 78 -20.32 -18.07 27.36
CA GLU B 78 -20.96 -16.77 27.10
C GLU B 78 -20.19 -15.61 27.70
N ILE B 79 -19.44 -15.86 28.77
CA ILE B 79 -18.61 -14.82 29.40
C ILE B 79 -17.30 -14.67 28.64
N PHE B 80 -16.71 -15.81 28.24
CA PHE B 80 -15.38 -15.82 27.60
C PHE B 80 -15.36 -15.76 26.06
N ALA B 81 -16.48 -15.43 25.43
CA ALA B 81 -16.58 -15.44 23.95
C ALA B 81 -16.15 -14.11 23.32
N ASP B 82 -15.73 -13.15 24.14
CA ASP B 82 -15.47 -11.78 23.68
C ASP B 82 -14.01 -11.60 23.24
N ARG B 83 -13.72 -10.46 22.62
CA ARG B 83 -12.36 -10.10 22.18
C ARG B 83 -11.86 -8.86 22.90
N PRO B 84 -10.56 -8.83 23.22
CA PRO B 84 -10.01 -7.70 23.94
C PRO B 84 -9.88 -6.48 23.04
N CYS B 85 -10.28 -5.33 23.57
CA CYS B 85 -10.20 -4.06 22.84
C CYS B 85 -8.81 -3.49 22.93
N LEU B 86 -7.83 -4.20 22.38
CA LEU B 86 -6.46 -3.71 22.32
C LEU B 86 -6.37 -2.66 21.22
N PRO B 87 -5.57 -1.60 21.42
CA PRO B 87 -5.34 -0.54 20.42
C PRO B 87 -5.00 -1.00 19.00
N LEU B 88 -4.22 -2.08 18.85
CA LEU B 88 -3.93 -2.63 17.51
C LEU B 88 -5.24 -3.04 16.81
N PHE B 89 -6.09 -3.79 17.50
CA PHE B 89 -7.34 -4.30 16.93
C PHE B 89 -8.34 -3.19 16.68
N MET B 90 -8.42 -2.24 17.60
CA MET B 90 -9.27 -1.07 17.42
C MET B 90 -8.84 -0.30 16.17
N LYS B 91 -7.54 -0.16 15.98
CA LYS B 91 -6.97 0.52 14.83
C LYS B 91 -7.13 -0.27 13.51
N MET B 92 -7.02 -1.60 13.58
CA MET B 92 -7.11 -2.43 12.35
C MET B 92 -8.56 -2.58 11.86
N THR B 93 -9.47 -2.95 12.75
CA THR B 93 -10.87 -3.24 12.38
C THR B 93 -12.00 -2.61 13.24
N LYS B 94 -11.64 -1.77 14.21
CA LYS B 94 -12.60 -1.17 15.14
C LYS B 94 -13.43 -2.23 15.87
N MET B 95 -12.81 -3.37 16.17
CA MET B 95 -13.53 -4.50 16.76
C MET B 95 -14.82 -4.86 15.98
N GLY B 96 -14.81 -4.58 14.68
CA GLY B 96 -15.87 -5.03 13.77
C GLY B 96 -15.44 -6.32 13.08
N GLY B 97 -15.90 -6.49 11.83
CA GLY B 97 -15.58 -7.67 11.03
C GLY B 97 -16.07 -8.96 11.69
N LEU B 98 -15.19 -9.96 11.78
CA LEU B 98 -15.56 -11.27 12.26
C LEU B 98 -14.62 -11.75 13.36
N LEU B 99 -13.37 -11.97 12.99
CA LEU B 99 -12.38 -12.60 13.86
C LEU B 99 -12.07 -11.84 15.17
N ASN B 100 -11.96 -10.51 15.10
CA ASN B 100 -11.80 -9.68 16.32
C ASN B 100 -13.06 -8.86 16.64
N SER B 101 -14.23 -9.29 16.15
CA SER B 101 -15.47 -8.64 16.50
C SER B 101 -15.71 -8.80 17.99
N ARG B 102 -16.39 -7.82 18.59
CA ARG B 102 -16.93 -7.99 19.94
C ARG B 102 -17.96 -9.12 19.89
N TYR B 103 -18.16 -9.81 21.00
CA TYR B 103 -19.21 -10.78 21.08
C TYR B 103 -20.57 -10.05 21.16
N GLY B 104 -21.27 -9.99 20.03
CA GLY B 104 -22.56 -9.33 19.96
C GLY B 104 -23.27 -9.67 18.66
N ARG B 105 -24.29 -8.87 18.30
CA ARG B 105 -25.08 -9.09 17.09
C ARG B 105 -24.24 -8.99 15.82
N GLY B 106 -23.31 -8.04 15.78
CA GLY B 106 -22.37 -7.90 14.67
C GLY B 106 -21.64 -9.21 14.40
N TRP B 107 -21.01 -9.76 15.43
CA TRP B 107 -20.33 -11.03 15.32
C TRP B 107 -21.28 -12.12 14.80
N VAL B 108 -22.48 -12.20 15.39
CA VAL B 108 -23.46 -13.22 15.02
C VAL B 108 -23.84 -13.13 13.53
N ASP B 109 -24.14 -11.92 13.07
CA ASP B 109 -24.54 -11.72 11.67
C ASP B 109 -23.40 -12.11 10.69
N HIS B 110 -22.16 -11.79 11.07
CA HIS B 110 -20.99 -12.10 10.22
C HIS B 110 -20.59 -13.56 10.31
N ARG B 111 -20.60 -14.10 11.53
CA ARG B 111 -20.25 -15.50 11.77
C ARG B 111 -21.18 -16.40 10.95
N ARG B 112 -22.48 -16.16 11.12
CA ARG B 112 -23.53 -16.87 10.40
C ARG B 112 -23.38 -16.78 8.87
N LEU B 113 -23.09 -15.59 8.36
CA LEU B 113 -22.89 -15.40 6.92
C LEU B 113 -21.65 -16.15 6.40
N ALA B 114 -20.61 -16.21 7.22
CA ALA B 114 -19.40 -16.96 6.88
C ALA B 114 -19.66 -18.46 6.93
N VAL B 115 -20.24 -18.95 8.02
CA VAL B 115 -20.52 -20.39 8.15
C VAL B 115 -21.40 -20.88 6.99
N ASN B 116 -22.46 -20.13 6.69
CA ASN B 116 -23.37 -20.47 5.60
C ASN B 116 -22.73 -20.50 4.24
N SER B 117 -21.82 -19.55 4.00
CA SER B 117 -21.19 -19.36 2.69
C SER B 117 -20.13 -20.42 2.38
N PHE B 118 -19.40 -20.86 3.40
CA PHE B 118 -18.40 -21.90 3.22
C PHE B 118 -19.06 -23.25 2.90
N ARG B 119 -20.22 -23.50 3.51
CA ARG B 119 -21.02 -24.67 3.15
C ARG B 119 -21.66 -24.47 1.76
N TYR B 120 -22.38 -23.38 1.58
CA TYR B 120 -23.16 -23.16 0.36
C TYR B 120 -22.30 -22.99 -0.91
N PHE B 121 -21.28 -22.14 -0.84
CA PHE B 121 -20.40 -21.92 -2.01
C PHE B 121 -19.21 -22.85 -2.03
N GLY B 122 -19.06 -23.70 -1.02
CA GLY B 122 -17.92 -24.57 -0.92
C GLY B 122 -18.28 -26.03 -0.84
N TYR B 123 -18.04 -26.62 0.32
CA TYR B 123 -18.08 -28.09 0.45
C TYR B 123 -19.48 -28.69 0.47
N GLY B 124 -20.51 -27.85 0.59
CA GLY B 124 -21.89 -28.30 0.40
C GLY B 124 -22.24 -28.65 -1.05
N GLN B 125 -21.43 -28.17 -2.00
CA GLN B 125 -21.62 -28.46 -3.42
C GLN B 125 -20.90 -29.73 -3.78
N LYS B 126 -21.53 -30.50 -4.69
CA LYS B 126 -21.01 -31.82 -5.10
C LYS B 126 -19.73 -31.70 -5.90
N SER B 127 -19.57 -30.61 -6.64
CA SER B 127 -18.35 -30.41 -7.43
C SER B 127 -17.15 -29.85 -6.63
N PHE B 128 -17.34 -29.48 -5.37
CA PHE B 128 -16.29 -28.72 -4.67
C PHE B 128 -15.01 -29.51 -4.43
N GLU B 129 -15.14 -30.73 -3.93
CA GLU B 129 -13.96 -31.57 -3.70
C GLU B 129 -13.10 -31.75 -4.97
N SER B 130 -13.75 -31.78 -6.15
CA SER B 130 -13.03 -31.91 -7.45
C SER B 130 -12.19 -30.67 -7.77
N LYS B 131 -12.67 -29.52 -7.30
CA LYS B 131 -11.92 -28.27 -7.40
C LYS B 131 -10.69 -28.25 -6.51
N ILE B 132 -10.78 -28.83 -5.32
CA ILE B 132 -9.59 -29.00 -4.46
C ILE B 132 -8.56 -29.87 -5.20
N LEU B 133 -9.04 -30.98 -5.78
CA LEU B 133 -8.20 -31.90 -6.57
C LEU B 133 -7.54 -31.25 -7.79
N GLU B 134 -8.26 -30.40 -8.49
CA GLU B 134 -7.60 -29.58 -9.55
C GLU B 134 -6.45 -28.72 -9.01
N GLU B 135 -6.64 -28.16 -7.82
CA GLU B 135 -5.59 -27.36 -7.20
C GLU B 135 -4.41 -28.25 -6.85
N THR B 136 -4.69 -29.48 -6.37
CA THR B 136 -3.60 -30.42 -6.03
C THR B 136 -2.79 -30.74 -7.25
N LYS B 137 -3.43 -30.70 -8.42
CA LYS B 137 -2.75 -30.97 -9.70
C LYS B 137 -1.91 -29.77 -10.19
N PHE B 138 -2.48 -28.57 -10.13
CA PHE B 138 -1.68 -27.33 -10.37
C PHE B 138 -0.47 -27.34 -9.44
N PHE B 139 -0.74 -27.57 -8.17
CA PHE B 139 0.33 -27.63 -7.14
C PHE B 139 1.42 -28.67 -7.47
N ASN B 140 0.99 -29.92 -7.64
CA ASN B 140 1.93 -31.01 -7.95
C ASN B 140 2.67 -30.80 -9.26
N ASP B 141 1.99 -30.34 -10.30
CA ASP B 141 2.67 -30.00 -11.58
C ASP B 141 3.80 -28.97 -11.41
N ALA B 142 3.56 -27.93 -10.61
CA ALA B 142 4.57 -26.89 -10.35
C ALA B 142 5.79 -27.47 -9.66
N ILE B 143 5.55 -28.40 -8.74
CA ILE B 143 6.63 -29.07 -8.04
C ILE B 143 7.49 -29.88 -8.99
N GLU B 144 6.87 -30.61 -9.92
CA GLU B 144 7.62 -31.44 -10.87
C GLU B 144 8.54 -30.62 -11.78
N THR B 145 8.14 -29.41 -12.15
CA THR B 145 9.02 -28.50 -12.94
C THR B 145 10.39 -28.24 -12.30
N TYR B 146 10.55 -28.50 -11.00
CA TYR B 146 11.86 -28.35 -10.33
C TYR B 146 12.80 -29.52 -10.56
N LYS B 147 12.27 -30.64 -11.05
CA LYS B 147 13.06 -31.82 -11.44
C LYS B 147 13.93 -32.40 -10.34
N GLY B 148 13.42 -32.42 -9.12
CA GLY B 148 14.12 -33.01 -7.98
C GLY B 148 15.18 -32.13 -7.34
N ARG B 149 15.36 -30.92 -7.87
CA ARG B 149 16.29 -29.93 -7.29
C ARG B 149 15.66 -29.33 -6.03
N PRO B 150 16.49 -29.00 -5.04
CA PRO B 150 15.95 -28.47 -3.79
C PRO B 150 15.31 -27.09 -3.95
N PHE B 151 14.20 -26.88 -3.24
CA PHE B 151 13.56 -25.59 -3.22
C PHE B 151 12.64 -25.47 -2.01
N ASP B 152 12.17 -24.24 -1.77
CA ASP B 152 11.30 -23.87 -0.65
C ASP B 152 9.85 -23.94 -1.12
N PHE B 153 9.08 -24.80 -0.48
CA PHE B 153 7.67 -25.09 -0.82
C PHE B 153 6.67 -23.97 -0.46
N LYS B 154 7.09 -23.05 0.43
CA LYS B 154 6.20 -22.06 1.02
C LYS B 154 5.32 -21.31 0.03
N GLN B 155 5.92 -20.76 -1.02
CA GLN B 155 5.12 -20.00 -1.98
C GLN B 155 4.05 -20.86 -2.65
N LEU B 156 4.48 -22.01 -3.17
CA LEU B 156 3.56 -22.95 -3.86
C LEU B 156 2.40 -23.41 -2.99
N ILE B 157 2.69 -23.80 -1.75
CA ILE B 157 1.63 -24.21 -0.80
C ILE B 157 0.71 -23.05 -0.46
N THR B 158 1.29 -21.87 -0.27
CA THR B 158 0.51 -20.63 -0.02
C THR B 158 -0.44 -20.33 -1.14
N ASN B 159 0.08 -20.38 -2.36
CA ASN B 159 -0.77 -20.21 -3.55
C ASN B 159 -1.90 -21.23 -3.55
N ALA B 160 -1.55 -22.50 -3.41
CA ALA B 160 -2.54 -23.62 -3.53
C ALA B 160 -3.62 -23.53 -2.50
N VAL B 161 -3.22 -23.35 -1.25
CA VAL B 161 -4.14 -23.26 -0.12
C VAL B 161 -5.05 -22.03 -0.18
N SER B 162 -4.49 -20.87 -0.56
CA SER B 162 -5.32 -19.66 -0.63
C SER B 162 -6.35 -19.79 -1.74
N ASN B 163 -5.97 -20.43 -2.84
CA ASN B 163 -6.91 -20.69 -3.93
C ASN B 163 -8.19 -21.38 -3.55
N ILE B 164 -8.17 -22.29 -2.58
CA ILE B 164 -9.41 -22.97 -2.14
C ILE B 164 -10.38 -22.01 -1.46
N THR B 165 -9.84 -21.15 -0.59
CA THR B 165 -10.63 -20.09 0.03
C THR B 165 -11.12 -19.07 -1.01
N ASN B 166 -10.27 -18.74 -1.98
CA ASN B 166 -10.64 -17.80 -3.04
C ASN B 166 -11.86 -18.26 -3.89
N LEU B 167 -12.07 -19.56 -4.01
CA LEU B 167 -13.26 -20.10 -4.70
C LEU B 167 -14.53 -19.76 -3.95
N ILE B 168 -14.45 -19.76 -2.63
CA ILE B 168 -15.62 -19.51 -1.81
C ILE B 168 -15.90 -18.01 -1.73
N ILE B 169 -14.83 -17.22 -1.61
CA ILE B 169 -14.95 -15.79 -1.36
C ILE B 169 -15.12 -15.00 -2.65
N PHE B 170 -14.27 -15.27 -3.65
CA PHE B 170 -14.32 -14.57 -4.94
C PHE B 170 -14.91 -15.40 -6.11
N GLY B 171 -15.23 -16.67 -5.89
CA GLY B 171 -15.77 -17.52 -6.94
C GLY B 171 -14.73 -18.04 -7.94
N GLU B 172 -13.45 -17.79 -7.70
CA GLU B 172 -12.42 -18.24 -8.63
C GLU B 172 -11.05 -18.37 -7.98
N ARG B 173 -10.22 -19.24 -8.55
CA ARG B 173 -8.83 -19.34 -8.18
C ARG B 173 -8.03 -18.25 -8.92
N PHE B 174 -6.86 -17.93 -8.41
CA PHE B 174 -5.93 -17.07 -9.13
C PHE B 174 -4.74 -17.92 -9.51
N THR B 175 -4.15 -17.65 -10.66
CA THR B 175 -3.07 -18.47 -11.16
C THR B 175 -1.82 -18.21 -10.33
N TYR B 176 -0.81 -19.06 -10.47
CA TYR B 176 0.42 -18.91 -9.71
C TYR B 176 1.35 -17.85 -10.26
N GLU B 177 0.98 -17.19 -11.36
CA GLU B 177 1.74 -16.03 -11.91
C GLU B 177 1.13 -14.68 -11.44
N ASP B 178 0.08 -14.76 -10.60
CA ASP B 178 -0.57 -13.58 -10.04
C ASP B 178 0.26 -13.09 -8.84
N THR B 179 1.44 -12.52 -9.14
CA THR B 179 2.36 -12.00 -8.16
C THR B 179 1.79 -10.84 -7.31
N ASP B 180 0.78 -10.13 -7.82
CA ASP B 180 0.10 -9.07 -7.05
C ASP B 180 -0.68 -9.63 -5.88
N PHE B 181 -1.52 -10.65 -6.13
CA PHE B 181 -2.27 -11.28 -5.03
C PHE B 181 -1.34 -11.86 -3.99
N GLN B 182 -0.26 -12.49 -4.42
CA GLN B 182 0.60 -13.16 -3.47
C GLN B 182 1.51 -12.20 -2.67
N HIS B 183 1.83 -11.05 -3.26
CA HIS B 183 2.49 -9.97 -2.55
C HIS B 183 1.62 -9.45 -1.39
N MET B 184 0.34 -9.22 -1.63
CA MET B 184 -0.60 -8.86 -0.58
C MET B 184 -0.60 -9.90 0.55
N ILE B 185 -0.72 -11.18 0.19
CA ILE B 185 -0.72 -12.28 1.15
C ILE B 185 0.54 -12.25 2.02
N GLU B 186 1.66 -12.00 1.37
CA GLU B 186 2.95 -11.90 2.00
C GLU B 186 3.00 -10.76 3.05
N LEU B 187 2.42 -9.60 2.73
CA LEU B 187 2.33 -8.50 3.68
C LEU B 187 1.37 -8.83 4.82
N PHE B 188 0.24 -9.42 4.48
CA PHE B 188 -0.74 -9.84 5.47
C PHE B 188 -0.12 -10.84 6.46
N SER B 189 0.70 -11.74 5.93
CA SER B 189 1.31 -12.79 6.70
C SER B 189 2.40 -12.23 7.63
N GLU B 190 3.13 -11.23 7.12
CA GLU B 190 4.08 -10.48 7.92
C GLU B 190 3.41 -9.91 9.16
N ASN B 191 2.20 -9.33 8.97
CA ASN B 191 1.45 -8.74 10.04
C ASN B 191 1.04 -9.72 11.15
N VAL B 192 0.75 -10.96 10.78
CA VAL B 192 0.36 -12.00 11.76
C VAL B 192 1.58 -12.39 12.57
N GLU B 193 2.75 -12.39 11.94
CA GLU B 193 4.00 -12.56 12.65
C GLU B 193 4.36 -11.34 13.57
N LEU B 194 4.34 -10.13 13.02
CA LEU B 194 4.67 -8.89 13.78
C LEU B 194 3.76 -8.69 14.98
N ALA B 195 2.52 -9.16 14.90
CA ALA B 195 1.56 -8.97 15.99
C ALA B 195 1.97 -9.67 17.31
N ALA B 196 3.00 -10.50 17.23
CA ALA B 196 3.54 -11.22 18.41
C ALA B 196 4.76 -10.51 19.01
N SER B 197 5.29 -9.53 18.27
CA SER B 197 6.52 -8.93 18.63
C SER B 197 6.39 -8.07 19.92
N ALA B 198 7.50 -7.92 20.61
CA ALA B 198 7.57 -7.07 21.83
C ALA B 198 7.07 -5.64 21.56
N SER B 199 7.50 -5.05 20.44
CA SER B 199 7.04 -3.71 19.99
C SER B 199 5.53 -3.56 19.99
N VAL B 200 4.83 -4.59 19.55
CA VAL B 200 3.38 -4.50 19.42
C VAL B 200 2.68 -4.63 20.78
N PHE B 201 3.14 -5.54 21.63
CA PHE B 201 2.73 -5.54 23.05
C PHE B 201 2.98 -4.16 23.69
N LEU B 202 4.16 -3.59 23.46
CA LEU B 202 4.50 -2.25 23.96
C LEU B 202 3.57 -1.16 23.38
N TYR B 203 3.30 -1.21 22.06
CA TYR B 203 2.34 -0.31 21.46
C TYR B 203 0.93 -0.44 22.09
N ASN B 204 0.50 -1.65 22.39
CA ASN B 204 -0.85 -1.83 22.92
C ASN B 204 -0.98 -1.27 24.32
N ALA B 205 0.07 -1.45 25.13
CA ALA B 205 0.15 -0.87 26.47
C ALA B 205 0.26 0.68 26.39
N PHE B 206 1.07 1.17 25.45
CA PHE B 206 1.44 2.58 25.37
C PHE B 206 1.30 3.13 23.94
N PRO B 207 0.05 3.32 23.47
CA PRO B 207 -0.24 3.70 22.07
C PRO B 207 0.48 4.93 21.56
N TRP B 208 0.80 5.84 22.48
CA TRP B 208 1.46 7.09 22.12
C TRP B 208 2.93 6.91 21.74
N ILE B 209 3.49 5.71 21.95
CA ILE B 209 4.82 5.41 21.41
C ILE B 209 4.83 5.37 19.88
N GLY B 210 3.64 5.22 19.29
CA GLY B 210 3.47 5.20 17.83
C GLY B 210 4.09 6.37 17.07
N ILE B 211 4.34 7.49 17.75
CA ILE B 211 5.20 8.56 17.23
C ILE B 211 6.52 7.98 16.75
N LEU B 212 7.14 7.20 17.61
CA LEU B 212 8.50 6.78 17.42
C LEU B 212 8.61 5.87 16.19
N PRO B 213 9.57 6.18 15.29
CA PRO B 213 9.78 5.35 14.11
C PRO B 213 10.36 3.97 14.46
N PHE B 214 10.88 3.84 15.68
CA PHE B 214 11.50 2.60 16.15
C PHE B 214 10.42 1.55 16.37
N GLY B 215 10.78 0.29 16.15
CA GLY B 215 9.88 -0.83 16.40
C GLY B 215 9.16 -1.34 15.16
N LYS B 216 8.55 -2.52 15.32
CA LYS B 216 7.93 -3.25 14.23
C LYS B 216 6.46 -2.89 14.01
N HIS B 217 5.88 -2.12 14.91
CA HIS B 217 4.47 -1.70 14.79
C HIS B 217 4.24 -0.72 13.62
N GLN B 218 5.27 0.04 13.23
CA GLN B 218 5.17 0.92 12.05
C GLN B 218 5.04 0.10 10.77
N GLN B 219 5.88 -0.90 10.61
CA GLN B 219 5.82 -1.85 9.49
C GLN B 219 4.43 -2.45 9.39
N LEU B 220 3.87 -2.87 10.52
CA LEU B 220 2.55 -3.49 10.56
C LEU B 220 1.47 -2.56 10.03
N PHE B 221 1.56 -1.28 10.38
CA PHE B 221 0.56 -0.28 9.98
C PHE B 221 0.64 0.06 8.49
N ARG B 222 1.85 0.23 7.96
CA ARG B 222 2.06 0.39 6.52
C ARG B 222 1.42 -0.81 5.77
N ASN B 223 1.85 -2.01 6.12
CA ASN B 223 1.33 -3.26 5.52
C ASN B 223 -0.20 -3.31 5.57
N ALA B 224 -0.78 -2.98 6.71
CA ALA B 224 -2.24 -3.01 6.86
C ALA B 224 -2.97 -2.03 5.94
N ALA B 225 -2.36 -0.87 5.69
CA ALA B 225 -2.92 0.10 4.72
C ALA B 225 -2.79 -0.43 3.30
N VAL B 226 -1.63 -1.02 2.98
CA VAL B 226 -1.42 -1.54 1.63
C VAL B 226 -2.44 -2.68 1.38
N VAL B 227 -2.54 -3.60 2.35
CA VAL B 227 -3.48 -4.72 2.28
C VAL B 227 -4.90 -4.28 2.18
N TYR B 228 -5.28 -3.23 2.92
CA TYR B 228 -6.67 -2.73 2.91
C TYR B 228 -7.02 -2.19 1.56
N ASP B 229 -6.09 -1.46 0.95
CA ASP B 229 -6.33 -0.91 -0.37
C ASP B 229 -6.52 -2.01 -1.42
N PHE B 230 -5.62 -3.00 -1.40
CA PHE B 230 -5.68 -4.15 -2.31
C PHE B 230 -6.99 -4.92 -2.16
N LEU B 231 -7.37 -5.20 -0.95
CA LEU B 231 -8.63 -5.92 -0.71
C LEU B 231 -9.86 -5.15 -1.19
N SER B 232 -9.98 -3.86 -0.93
CA SER B 232 -11.20 -3.16 -1.38
C SER B 232 -11.31 -3.12 -2.92
N ARG B 233 -10.19 -2.97 -3.62
CA ARG B 233 -10.19 -3.04 -5.10
C ARG B 233 -10.59 -4.43 -5.62
N LEU B 234 -10.13 -5.48 -4.95
CA LEU B 234 -10.44 -6.84 -5.37
C LEU B 234 -11.91 -7.17 -5.10
N ILE B 235 -12.41 -6.70 -3.97
CA ILE B 235 -13.82 -6.89 -3.62
C ILE B 235 -14.74 -6.12 -4.60
N GLU B 236 -14.35 -4.91 -4.99
CA GLU B 236 -15.08 -4.13 -6.01
C GLU B 236 -15.13 -4.89 -7.33
N LYS B 237 -13.98 -5.38 -7.79
CA LYS B 237 -13.92 -6.16 -9.05
C LYS B 237 -14.78 -7.43 -8.98
N ALA B 238 -14.73 -8.11 -7.84
CA ALA B 238 -15.51 -9.32 -7.63
C ALA B 238 -17.02 -9.07 -7.59
N SER B 239 -17.46 -7.80 -7.49
CA SER B 239 -18.90 -7.49 -7.44
C SER B 239 -19.46 -6.91 -8.76
N VAL B 240 -18.60 -6.63 -9.73
CA VAL B 240 -19.02 -6.05 -11.01
C VAL B 240 -20.16 -6.82 -11.70
N ASN B 241 -20.06 -8.15 -11.73
CA ASN B 241 -21.09 -8.96 -12.41
C ASN B 241 -22.18 -9.53 -11.46
N ARG B 242 -22.37 -8.86 -10.33
CA ARG B 242 -23.31 -9.33 -9.32
C ARG B 242 -24.76 -9.34 -9.84
N LYS B 243 -25.52 -10.37 -9.45
CA LYS B 243 -26.94 -10.45 -9.71
C LYS B 243 -27.67 -10.51 -8.37
N PRO B 244 -28.21 -9.36 -7.90
CA PRO B 244 -28.82 -9.28 -6.56
C PRO B 244 -29.82 -10.40 -6.23
N GLN B 245 -29.74 -10.93 -5.02
CA GLN B 245 -30.53 -12.08 -4.57
C GLN B 245 -30.02 -13.45 -5.12
N LEU B 246 -29.11 -13.44 -6.10
CA LEU B 246 -28.60 -14.67 -6.75
C LEU B 246 -27.05 -14.74 -6.65
N PRO B 247 -26.52 -14.90 -5.41
CA PRO B 247 -25.09 -14.70 -5.16
C PRO B 247 -24.18 -15.82 -5.68
N GLN B 248 -23.05 -15.46 -6.27
CA GLN B 248 -22.09 -16.43 -6.79
C GLN B 248 -20.94 -16.77 -5.80
N HIS B 249 -20.85 -16.02 -4.69
CA HIS B 249 -19.76 -16.17 -3.72
C HIS B 249 -20.02 -15.33 -2.45
N PHE B 250 -19.09 -15.40 -1.48
CA PHE B 250 -19.22 -14.65 -0.20
C PHE B 250 -19.45 -13.15 -0.40
N VAL B 251 -18.71 -12.51 -1.30
CA VAL B 251 -18.85 -11.06 -1.54
C VAL B 251 -20.30 -10.68 -1.95
N ASP B 252 -20.81 -11.37 -3.00
CA ASP B 252 -22.19 -11.26 -3.44
C ASP B 252 -23.16 -11.51 -2.29
N ALA B 253 -22.91 -12.54 -1.51
CA ALA B 253 -23.77 -12.86 -0.39
C ALA B 253 -23.77 -11.72 0.62
N TYR B 254 -22.60 -11.08 0.80
CA TYR B 254 -22.47 -9.96 1.72
C TYR B 254 -23.28 -8.76 1.22
N LEU B 255 -23.10 -8.43 -0.06
CA LEU B 255 -23.82 -7.30 -0.66
C LEU B 255 -25.35 -7.50 -0.60
N ASP B 256 -25.82 -8.72 -0.88
CA ASP B 256 -27.22 -9.08 -0.65
C ASP B 256 -27.66 -8.66 0.75
N GLU B 257 -26.87 -9.02 1.76
CA GLU B 257 -27.20 -8.73 3.18
C GLU B 257 -27.29 -7.24 3.46
N MET B 258 -26.42 -6.46 2.81
CA MET B 258 -26.46 -5.00 2.95
C MET B 258 -27.76 -4.43 2.36
N ASP B 259 -28.15 -4.96 1.19
CA ASP B 259 -29.40 -4.56 0.52
C ASP B 259 -30.65 -4.96 1.32
N GLN B 260 -30.58 -6.10 2.00
CA GLN B 260 -31.68 -6.55 2.86
C GLN B 260 -31.77 -5.75 4.17
N GLY B 261 -30.77 -4.90 4.43
CA GLY B 261 -30.72 -4.09 5.66
C GLY B 261 -30.48 -2.60 5.45
N LYS B 262 -30.78 -2.10 4.25
CA LYS B 262 -30.65 -0.65 3.98
C LYS B 262 -31.66 0.19 4.79
N ASN B 263 -32.82 -0.41 5.12
CA ASN B 263 -33.83 0.23 5.99
C ASN B 263 -33.39 0.29 7.44
N ASP B 264 -32.72 -0.78 7.91
CA ASP B 264 -32.22 -0.86 9.28
C ASP B 264 -30.95 -0.02 9.43
N PRO B 265 -30.98 1.03 10.28
CA PRO B 265 -29.75 1.80 10.53
C PRO B 265 -28.86 1.17 11.63
N SER B 266 -29.31 0.06 12.22
CA SER B 266 -28.49 -0.75 13.13
C SER B 266 -27.90 -2.02 12.46
N SER B 267 -28.09 -2.16 11.13
CA SER B 267 -27.49 -3.26 10.38
C SER B 267 -25.96 -3.23 10.52
N THR B 268 -25.39 -4.38 10.91
CA THR B 268 -23.95 -4.48 11.17
C THR B 268 -23.10 -4.58 9.89
N PHE B 269 -23.73 -4.98 8.78
CA PHE B 269 -23.02 -5.16 7.49
C PHE B 269 -22.69 -3.80 6.87
N SER B 270 -21.44 -3.63 6.43
CA SER B 270 -21.01 -2.41 5.78
C SER B 270 -19.81 -2.67 4.87
N LYS B 271 -19.46 -1.69 4.05
CA LYS B 271 -18.31 -1.82 3.13
C LYS B 271 -17.00 -2.08 3.89
N GLU B 272 -16.80 -1.38 5.00
CA GLU B 272 -15.63 -1.55 5.86
C GLU B 272 -15.56 -2.96 6.44
N ASN B 273 -16.69 -3.44 6.97
CA ASN B 273 -16.79 -4.76 7.57
C ASN B 273 -16.72 -5.90 6.57
N LEU B 274 -17.08 -5.62 5.31
CA LEU B 274 -16.91 -6.57 4.22
C LEU B 274 -15.42 -6.74 3.94
N ILE B 275 -14.68 -5.63 3.87
CA ILE B 275 -13.24 -5.68 3.72
C ILE B 275 -12.57 -6.47 4.86
N PHE B 276 -12.94 -6.18 6.11
CA PHE B 276 -12.28 -6.82 7.25
C PHE B 276 -12.65 -8.30 7.33
N SER B 277 -13.93 -8.64 7.12
CA SER B 277 -14.33 -10.07 7.19
C SER B 277 -13.63 -10.89 6.09
N VAL B 278 -13.61 -10.34 4.87
CA VAL B 278 -12.89 -10.98 3.76
C VAL B 278 -11.38 -11.18 4.04
N GLY B 279 -10.73 -10.12 4.50
CA GLY B 279 -9.31 -10.17 4.84
C GLY B 279 -9.04 -11.20 5.93
N GLU B 280 -9.91 -11.21 6.93
CA GLU B 280 -9.81 -12.16 8.04
C GLU B 280 -9.95 -13.63 7.60
N LEU B 281 -10.94 -13.90 6.74
CA LEU B 281 -11.12 -15.26 6.17
C LEU B 281 -9.90 -15.66 5.28
N ILE B 282 -9.44 -14.76 4.44
CA ILE B 282 -8.25 -15.03 3.58
C ILE B 282 -7.02 -15.39 4.39
N ILE B 283 -6.66 -14.57 5.38
CA ILE B 283 -5.46 -14.84 6.15
C ILE B 283 -5.62 -16.01 7.17
N ALA B 284 -6.80 -16.17 7.76
CA ALA B 284 -7.02 -17.27 8.72
C ALA B 284 -6.79 -18.61 8.05
N GLY B 285 -7.29 -18.76 6.83
CA GLY B 285 -7.13 -20.01 6.09
C GLY B 285 -5.75 -20.21 5.51
N THR B 286 -5.21 -19.16 4.92
CA THR B 286 -3.94 -19.24 4.23
C THR B 286 -2.76 -19.48 5.15
N GLU B 287 -2.59 -18.67 6.22
CA GLU B 287 -1.43 -18.86 7.13
C GLU B 287 -1.48 -20.19 7.88
N THR B 288 -2.65 -20.59 8.37
CA THR B 288 -2.75 -21.81 9.21
C THR B 288 -2.53 -23.12 8.42
N THR B 289 -3.39 -23.39 7.44
CA THR B 289 -3.30 -24.64 6.66
C THR B 289 -1.96 -24.73 5.95
N THR B 290 -1.47 -23.62 5.42
CA THR B 290 -0.15 -23.63 4.83
C THR B 290 0.89 -24.16 5.82
N ASN B 291 0.83 -23.69 7.06
CA ASN B 291 1.88 -24.02 8.03
C ASN B 291 1.74 -25.43 8.53
N VAL B 292 0.49 -25.90 8.71
CA VAL B 292 0.23 -27.34 8.96
C VAL B 292 0.97 -28.21 7.92
N LEU B 293 0.86 -27.83 6.63
CA LEU B 293 1.47 -28.59 5.55
C LEU B 293 2.98 -28.44 5.50
N ARG B 294 3.49 -27.24 5.80
CA ARG B 294 4.93 -27.03 5.88
C ARG B 294 5.54 -27.86 7.01
N TRP B 295 4.87 -27.92 8.15
CA TRP B 295 5.32 -28.79 9.25
C TRP B 295 5.24 -30.29 8.88
N ALA B 296 4.10 -30.69 8.30
CA ALA B 296 3.87 -32.10 7.97
C ALA B 296 4.92 -32.60 6.99
N ILE B 297 5.20 -31.80 5.96
CA ILE B 297 6.24 -32.07 4.98
C ILE B 297 7.62 -32.19 5.62
N LEU B 298 7.92 -31.30 6.57
CA LEU B 298 9.23 -31.30 7.24
C LEU B 298 9.43 -32.60 7.98
N PHE B 299 8.38 -33.04 8.68
CA PHE B 299 8.44 -34.22 9.50
C PHE B 299 8.48 -35.52 8.68
N MET B 300 7.86 -35.51 7.50
CA MET B 300 7.92 -36.64 6.56
C MET B 300 9.32 -36.80 5.95
N ALA B 301 9.95 -35.67 5.65
CA ALA B 301 11.34 -35.64 5.19
C ALA B 301 12.32 -36.06 6.28
N LEU B 302 11.98 -35.75 7.54
CA LEU B 302 12.83 -36.05 8.68
C LEU B 302 12.71 -37.52 9.08
N TYR B 303 11.47 -38.05 9.00
CA TYR B 303 11.17 -39.45 9.31
C TYR B 303 10.64 -40.21 8.08
N PRO B 304 11.52 -40.62 7.15
CA PRO B 304 11.08 -41.34 5.93
C PRO B 304 10.29 -42.68 6.17
N ASN B 305 10.48 -43.31 7.32
CA ASN B 305 9.74 -44.52 7.65
C ASN B 305 8.28 -44.22 7.98
N ILE B 306 8.02 -43.03 8.53
CA ILE B 306 6.66 -42.55 8.68
C ILE B 306 6.08 -42.14 7.31
N GLN B 307 6.89 -41.47 6.48
CA GLN B 307 6.49 -41.15 5.13
C GLN B 307 6.12 -42.41 4.32
N GLY B 308 6.94 -43.45 4.41
CA GLY B 308 6.74 -44.72 3.64
C GLY B 308 5.47 -45.42 4.04
N GLN B 309 5.17 -45.40 5.34
CA GLN B 309 3.96 -46.00 5.86
C GLN B 309 2.71 -45.24 5.36
N VAL B 310 2.74 -43.90 5.38
CA VAL B 310 1.66 -43.10 4.74
C VAL B 310 1.47 -43.50 3.23
N GLN B 311 2.57 -43.61 2.50
CA GLN B 311 2.53 -43.94 1.07
C GLN B 311 2.06 -45.39 0.78
N LYS B 312 2.41 -46.35 1.65
CA LYS B 312 1.82 -47.69 1.60
C LYS B 312 0.29 -47.63 1.70
N GLU B 313 -0.20 -46.85 2.65
CA GLU B 313 -1.62 -46.69 2.87
C GLU B 313 -2.36 -46.05 1.67
N ILE B 314 -1.71 -45.07 1.05
CA ILE B 314 -2.22 -44.41 -0.16
C ILE B 314 -2.28 -45.42 -1.32
N ASP B 315 -1.16 -46.06 -1.58
CA ASP B 315 -1.05 -47.05 -2.65
C ASP B 315 -2.14 -48.11 -2.54
N LEU B 316 -2.32 -48.65 -1.34
CA LEU B 316 -3.34 -49.69 -1.10
C LEU B 316 -4.77 -49.18 -1.06
N ILE B 317 -5.02 -48.04 -0.42
CA ILE B 317 -6.42 -47.58 -0.26
C ILE B 317 -6.86 -46.68 -1.39
N MET B 318 -5.95 -45.85 -1.93
CA MET B 318 -6.32 -44.94 -3.01
C MET B 318 -5.97 -45.48 -4.38
N GLY B 319 -4.89 -46.25 -4.45
CA GLY B 319 -4.34 -46.67 -5.70
C GLY B 319 -3.15 -45.78 -5.95
N PRO B 320 -2.06 -46.33 -6.50
CA PRO B 320 -0.89 -45.53 -6.87
C PRO B 320 -1.18 -44.27 -7.72
N ASN B 321 -2.20 -44.37 -8.57
CA ASN B 321 -2.61 -43.27 -9.44
C ASN B 321 -4.06 -42.90 -9.21
N GLY B 322 -4.63 -43.29 -8.10
CA GLY B 322 -6.03 -42.99 -7.83
C GLY B 322 -6.19 -41.58 -7.30
N LYS B 323 -7.36 -41.02 -7.57
CA LYS B 323 -7.72 -39.68 -7.14
C LYS B 323 -8.05 -39.67 -5.66
N PRO B 324 -7.24 -38.96 -4.85
CA PRO B 324 -7.55 -38.82 -3.45
C PRO B 324 -8.96 -38.34 -3.21
N SER B 325 -9.59 -38.89 -2.21
CA SER B 325 -10.96 -38.51 -1.87
C SER B 325 -11.11 -38.37 -0.36
N TRP B 326 -11.97 -37.44 0.04
CA TRP B 326 -12.24 -37.15 1.43
C TRP B 326 -12.87 -38.35 2.08
N ASP B 327 -13.62 -39.11 1.26
CA ASP B 327 -14.28 -40.34 1.69
C ASP B 327 -13.30 -41.46 2.05
N ASP B 328 -12.09 -41.41 1.51
CA ASP B 328 -11.02 -42.41 1.86
C ASP B 328 -10.46 -42.29 3.28
N LYS B 329 -10.95 -41.31 4.03
CA LYS B 329 -10.35 -40.90 5.29
C LYS B 329 -10.38 -42.02 6.35
N CYS B 330 -11.55 -42.62 6.56
CA CYS B 330 -11.71 -43.65 7.60
C CYS B 330 -11.06 -44.99 7.23
N LYS B 331 -10.68 -45.14 5.97
CA LYS B 331 -9.96 -46.32 5.54
C LYS B 331 -8.44 -46.12 5.64
N MET B 332 -8.03 -44.92 6.10
CA MET B 332 -6.61 -44.57 6.19
C MET B 332 -6.29 -44.03 7.59
N PRO B 333 -6.39 -44.90 8.63
CA PRO B 333 -6.26 -44.46 10.00
C PRO B 333 -4.88 -43.89 10.34
N TYR B 334 -3.83 -44.40 9.70
CA TYR B 334 -2.46 -43.99 10.00
C TYR B 334 -2.14 -42.57 9.45
N THR B 335 -2.65 -42.29 8.25
CA THR B 335 -2.59 -40.96 7.66
C THR B 335 -3.33 -39.91 8.52
N GLU B 336 -4.54 -40.24 8.98
CA GLU B 336 -5.24 -39.42 9.94
C GLU B 336 -4.41 -39.20 11.22
N ALA B 337 -3.77 -40.27 11.71
CA ALA B 337 -2.98 -40.21 12.92
C ALA B 337 -1.75 -39.31 12.75
N VAL B 338 -1.10 -39.40 11.60
CA VAL B 338 0.05 -38.52 11.31
C VAL B 338 -0.36 -37.03 11.27
N LEU B 339 -1.47 -36.74 10.63
CA LEU B 339 -1.94 -35.39 10.50
C LEU B 339 -2.47 -34.84 11.83
N HIS B 340 -3.10 -35.67 12.64
CA HIS B 340 -3.57 -35.23 13.96
C HIS B 340 -2.39 -34.97 14.89
N GLU B 341 -1.33 -35.75 14.74
CA GLU B 341 -0.14 -35.60 15.53
C GLU B 341 0.63 -34.31 15.15
N VAL B 342 0.59 -33.92 13.88
CA VAL B 342 1.23 -32.68 13.45
C VAL B 342 0.52 -31.51 14.11
N LEU B 343 -0.80 -31.55 14.14
CA LEU B 343 -1.60 -30.55 14.84
C LEU B 343 -1.30 -30.43 16.35
N ARG B 344 -1.19 -31.59 17.04
CA ARG B 344 -0.96 -31.62 18.49
C ARG B 344 0.44 -31.18 18.84
N PHE B 345 1.41 -31.66 18.07
CA PHE B 345 2.82 -31.42 18.34
C PHE B 345 3.28 -30.03 17.88
N CYS B 346 2.91 -29.66 16.66
CA CYS B 346 3.46 -28.43 16.05
C CYS B 346 2.68 -27.15 16.40
N ASN B 347 1.46 -27.30 16.91
CA ASN B 347 0.68 -26.17 17.46
C ASN B 347 0.74 -24.91 16.63
N ILE B 348 0.26 -25.04 15.41
CA ILE B 348 0.23 -23.94 14.46
C ILE B 348 -0.37 -22.64 15.04
N VAL B 349 -1.42 -22.77 15.86
CA VAL B 349 -1.98 -21.61 16.60
C VAL B 349 -1.79 -21.88 18.09
N PRO B 350 -0.62 -21.54 18.65
CA PRO B 350 -0.27 -22.02 19.99
C PRO B 350 -0.99 -21.33 21.15
N LEU B 351 -1.38 -20.07 20.96
CA LEU B 351 -2.08 -19.32 22.03
C LEU B 351 -3.47 -18.91 21.58
N GLY B 352 -3.96 -19.58 20.55
CA GLY B 352 -5.23 -19.24 19.94
C GLY B 352 -5.24 -17.82 19.45
N ILE B 353 -6.45 -17.27 19.43
CA ILE B 353 -6.70 -15.85 19.27
C ILE B 353 -7.17 -15.36 20.64
N PHE B 354 -6.63 -14.23 21.09
CA PHE B 354 -6.91 -13.77 22.45
C PHE B 354 -8.42 -13.54 22.68
N HIS B 355 -8.91 -13.97 23.84
CA HIS B 355 -10.28 -13.71 24.27
C HIS B 355 -10.31 -12.57 25.27
N ALA B 356 -11.52 -12.14 25.64
CA ALA B 356 -11.75 -11.25 26.79
C ALA B 356 -13.05 -11.67 27.45
N THR B 357 -13.18 -11.34 28.74
CA THR B 357 -14.45 -11.55 29.46
C THR B 357 -15.42 -10.43 29.11
N SER B 358 -16.66 -10.80 28.78
CA SER B 358 -17.69 -9.80 28.48
C SER B 358 -18.37 -9.30 29.76
N GLU B 359 -18.18 -10.03 30.85
CA GLU B 359 -18.73 -9.65 32.15
C GLU B 359 -17.78 -10.17 33.24
N ASP B 360 -17.93 -9.65 34.46
CA ASP B 360 -17.18 -10.15 35.61
C ASP B 360 -17.27 -11.69 35.66
N ALA B 361 -16.21 -12.36 36.08
CA ALA B 361 -16.21 -13.83 36.13
C ALA B 361 -15.37 -14.38 37.28
N VAL B 362 -15.67 -15.61 37.67
CA VAL B 362 -14.95 -16.31 38.72
C VAL B 362 -14.49 -17.66 38.19
N VAL B 363 -13.17 -17.85 38.19
CA VAL B 363 -12.58 -19.09 37.74
C VAL B 363 -11.59 -19.59 38.78
N ARG B 364 -11.87 -20.77 39.32
CA ARG B 364 -11.02 -21.45 40.32
C ARG B 364 -10.77 -20.63 41.58
N GLY B 365 -11.82 -19.98 42.08
CA GLY B 365 -11.73 -19.13 43.26
C GLY B 365 -10.99 -17.82 43.07
N TYR B 366 -10.66 -17.48 41.82
CA TYR B 366 -10.07 -16.18 41.48
C TYR B 366 -11.11 -15.32 40.81
N SER B 367 -10.97 -14.01 40.97
CA SER B 367 -11.88 -13.06 40.33
C SER B 367 -11.25 -12.49 39.07
N ILE B 368 -12.05 -12.35 38.02
CA ILE B 368 -11.61 -11.93 36.69
C ILE B 368 -12.57 -10.87 36.18
N PRO B 369 -12.20 -9.58 36.30
CA PRO B 369 -13.14 -8.51 35.91
C PRO B 369 -13.45 -8.46 34.39
N LYS B 370 -14.61 -7.90 34.07
CA LYS B 370 -15.04 -7.67 32.70
C LYS B 370 -13.94 -6.98 31.90
N GLY B 371 -13.78 -7.39 30.64
CA GLY B 371 -12.76 -6.80 29.77
C GLY B 371 -11.33 -7.24 30.03
N THR B 372 -11.14 -8.26 30.85
CA THR B 372 -9.79 -8.79 31.08
C THR B 372 -9.37 -9.65 29.88
N THR B 373 -8.12 -9.48 29.44
CA THR B 373 -7.58 -10.25 28.33
C THR B 373 -7.33 -11.66 28.83
N VAL B 374 -7.85 -12.64 28.09
CA VAL B 374 -7.70 -14.06 28.43
C VAL B 374 -6.95 -14.77 27.29
N ILE B 375 -5.84 -15.40 27.63
CA ILE B 375 -5.02 -16.11 26.67
C ILE B 375 -5.17 -17.61 26.89
N THR B 376 -5.71 -18.30 25.89
CA THR B 376 -5.89 -19.74 25.95
C THR B 376 -4.61 -20.35 25.41
N ASN B 377 -3.86 -21.03 26.28
CA ASN B 377 -2.61 -21.66 25.90
C ASN B 377 -2.93 -23.07 25.34
N LEU B 378 -3.28 -23.10 24.06
CA LEU B 378 -3.63 -24.34 23.35
C LEU B 378 -2.47 -25.32 23.39
N TYR B 379 -1.26 -24.80 23.23
CA TYR B 379 -0.06 -25.60 23.30
C TYR B 379 0.06 -26.40 24.60
N SER B 380 -0.28 -25.75 25.73
CA SER B 380 -0.22 -26.39 27.04
C SER B 380 -1.27 -27.50 27.18
N VAL B 381 -2.38 -27.38 26.44
CA VAL B 381 -3.42 -28.41 26.43
C VAL B 381 -2.88 -29.65 25.71
N HIS B 382 -2.13 -29.42 24.64
CA HIS B 382 -1.55 -30.50 23.84
C HIS B 382 -0.30 -31.10 24.45
N PHE B 383 0.22 -30.46 25.49
CA PHE B 383 1.31 -31.01 26.25
C PHE B 383 0.88 -31.27 27.71
N ASP B 384 -0.43 -31.35 27.93
CA ASP B 384 -1.00 -31.58 29.24
C ASP B 384 -0.81 -33.06 29.62
N GLU B 385 0.10 -33.32 30.55
CA GLU B 385 0.47 -34.70 30.93
C GLU B 385 -0.60 -35.43 31.73
N LYS B 386 -1.65 -34.73 32.13
CA LYS B 386 -2.85 -35.41 32.60
C LYS B 386 -3.49 -36.24 31.47
N TYR B 387 -3.35 -35.77 30.23
CA TYR B 387 -4.07 -36.33 29.07
C TYR B 387 -3.19 -36.94 27.96
N TRP B 388 -1.87 -36.79 28.04
CA TRP B 388 -0.95 -37.22 26.97
C TRP B 388 0.29 -37.79 27.61
N ARG B 389 0.70 -38.99 27.20
CA ARG B 389 1.95 -39.54 27.70
C ARG B 389 3.08 -39.23 26.72
N ASP B 390 4.19 -38.73 27.24
CA ASP B 390 5.34 -38.31 26.45
C ASP B 390 4.98 -37.29 25.33
N PRO B 391 4.28 -36.20 25.69
CA PRO B 391 3.82 -35.25 24.67
C PRO B 391 4.97 -34.59 23.90
N GLU B 392 6.16 -34.56 24.51
CA GLU B 392 7.36 -34.01 23.88
C GLU B 392 7.88 -34.84 22.71
N VAL B 393 7.32 -36.03 22.51
CA VAL B 393 7.71 -36.92 21.42
C VAL B 393 6.67 -36.91 20.29
N PHE B 394 7.13 -36.72 19.06
CA PHE B 394 6.28 -36.86 17.86
C PHE B 394 6.01 -38.35 17.63
N HIS B 395 4.77 -38.77 17.86
CA HIS B 395 4.40 -40.19 17.88
C HIS B 395 2.98 -40.39 17.35
N PRO B 396 2.84 -40.50 16.00
CA PRO B 396 1.53 -40.68 15.37
C PRO B 396 0.69 -41.85 15.95
N GLU B 397 1.36 -42.89 16.44
CA GLU B 397 0.68 -44.10 16.94
C GLU B 397 -0.12 -43.87 18.22
N ARG B 398 0.07 -42.72 18.87
CA ARG B 398 -0.78 -42.34 20.02
C ARG B 398 -2.24 -42.14 19.62
N PHE B 399 -2.51 -42.00 18.33
CA PHE B 399 -3.88 -41.83 17.82
C PHE B 399 -4.52 -43.15 17.32
N LEU B 400 -3.80 -44.25 17.45
CA LEU B 400 -4.30 -45.55 17.05
C LEU B 400 -4.57 -46.43 18.26
N ASP B 401 -5.73 -47.12 18.27
CA ASP B 401 -6.02 -48.13 19.31
C ASP B 401 -5.28 -49.45 19.06
N SER B 402 -5.54 -50.46 19.92
CA SER B 402 -4.85 -51.78 19.83
C SER B 402 -5.17 -52.51 18.51
N SER B 403 -6.44 -52.39 18.08
CA SER B 403 -6.90 -52.94 16.79
C SER B 403 -6.37 -52.18 15.52
N GLY B 404 -5.59 -51.10 15.72
CA GLY B 404 -5.00 -50.32 14.60
C GLY B 404 -5.90 -49.24 14.00
N TYR B 405 -7.07 -49.02 14.61
CA TYR B 405 -8.02 -48.01 14.15
C TYR B 405 -7.67 -46.63 14.74
N PHE B 406 -8.31 -45.59 14.22
CA PHE B 406 -8.03 -44.25 14.67
C PHE B 406 -8.81 -43.91 15.95
N ALA B 407 -8.09 -43.62 17.03
CA ALA B 407 -8.69 -43.33 18.34
C ALA B 407 -8.77 -41.81 18.61
N LYS B 408 -10.00 -41.29 18.75
CA LYS B 408 -10.21 -39.88 19.06
C LYS B 408 -9.73 -39.54 20.49
N LYS B 409 -9.08 -38.38 20.64
CA LYS B 409 -8.56 -37.92 21.93
C LYS B 409 -9.29 -36.65 22.32
N GLU B 410 -9.67 -36.53 23.59
CA GLU B 410 -10.50 -35.39 24.00
C GLU B 410 -9.69 -34.09 24.22
N ALA B 411 -8.44 -34.21 24.66
CA ALA B 411 -7.57 -33.02 24.92
C ALA B 411 -6.87 -32.50 23.64
N LEU B 412 -7.54 -32.62 22.51
CA LEU B 412 -7.01 -32.14 21.23
C LEU B 412 -7.89 -30.99 20.84
N VAL B 413 -7.32 -29.78 20.82
CA VAL B 413 -8.09 -28.55 20.56
C VAL B 413 -7.31 -27.54 19.66
N PRO B 414 -6.77 -28.03 18.50
CA PRO B 414 -6.01 -27.14 17.63
C PRO B 414 -6.87 -26.11 16.92
N PHE B 415 -8.19 -26.31 16.95
CA PHE B 415 -9.17 -25.35 16.43
C PHE B 415 -9.96 -24.64 17.53
N SER B 416 -9.51 -24.81 18.78
CA SER B 416 -10.15 -24.20 19.95
C SER B 416 -11.49 -24.85 20.30
N LEU B 417 -12.24 -24.18 21.18
CA LEU B 417 -13.55 -24.62 21.64
C LEU B 417 -14.39 -23.39 21.88
N GLY B 418 -15.68 -23.62 22.08
CA GLY B 418 -16.62 -22.57 22.49
C GLY B 418 -17.23 -21.82 21.33
N ARG B 419 -17.85 -20.69 21.65
CA ARG B 419 -18.52 -19.87 20.66
C ARG B 419 -17.61 -19.39 19.54
N ARG B 420 -16.33 -19.25 19.82
CA ARG B 420 -15.39 -18.74 18.82
C ARG B 420 -14.53 -19.83 18.17
N HIS B 421 -14.83 -21.11 18.45
CA HIS B 421 -14.13 -22.25 17.81
C HIS B 421 -13.99 -22.01 16.29
N CYS B 422 -12.85 -22.44 15.72
CA CYS B 422 -12.57 -22.24 14.31
C CYS B 422 -13.76 -22.47 13.39
N LEU B 423 -14.06 -21.47 12.59
CA LEU B 423 -15.13 -21.52 11.60
C LEU B 423 -14.75 -22.37 10.35
N GLY B 424 -13.45 -22.51 10.10
CA GLY B 424 -12.97 -23.19 8.91
C GLY B 424 -12.43 -24.58 9.15
N GLU B 425 -12.80 -25.17 10.29
CA GLU B 425 -12.23 -26.45 10.69
C GLU B 425 -12.44 -27.54 9.64
N HIS B 426 -13.67 -27.73 9.21
CA HIS B 426 -14.01 -28.77 8.22
C HIS B 426 -13.24 -28.61 6.92
N LEU B 427 -13.27 -27.40 6.35
CA LEU B 427 -12.53 -27.09 5.12
C LEU B 427 -11.02 -27.35 5.26
N ALA B 428 -10.44 -26.91 6.38
CA ALA B 428 -9.01 -27.10 6.64
C ALA B 428 -8.64 -28.58 6.75
N ARG B 429 -9.45 -29.36 7.45
CA ARG B 429 -9.26 -30.84 7.54
C ARG B 429 -9.30 -31.49 6.13
N MET B 430 -10.28 -31.11 5.31
CA MET B 430 -10.35 -31.57 3.91
C MET B 430 -9.10 -31.24 3.11
N GLU B 431 -8.67 -29.97 3.18
CA GLU B 431 -7.45 -29.51 2.46
C GLU B 431 -6.18 -30.18 2.94
N MET B 432 -5.99 -30.27 4.27
CA MET B 432 -4.79 -30.91 4.82
C MET B 432 -4.69 -32.29 4.24
N PHE B 433 -5.80 -33.02 4.34
CA PHE B 433 -5.87 -34.43 3.90
C PHE B 433 -5.62 -34.58 2.41
N LEU B 434 -6.32 -33.79 1.60
CA LEU B 434 -6.20 -33.94 0.14
C LEU B 434 -4.87 -33.49 -0.44
N PHE B 435 -4.34 -32.36 0.03
CA PHE B 435 -3.01 -31.89 -0.41
C PHE B 435 -1.91 -32.81 0.04
N PHE B 436 -1.97 -33.22 1.30
CA PHE B 436 -0.99 -34.13 1.88
C PHE B 436 -1.00 -35.51 1.16
N THR B 437 -2.18 -36.10 0.95
CA THR B 437 -2.25 -37.40 0.26
C THR B 437 -1.84 -37.24 -1.22
N ALA B 438 -2.38 -36.25 -1.92
CA ALA B 438 -2.02 -36.02 -3.31
C ALA B 438 -0.52 -35.86 -3.52
N LEU B 439 0.15 -35.24 -2.55
CA LEU B 439 1.59 -34.94 -2.64
C LEU B 439 2.49 -36.15 -2.39
N LEU B 440 2.25 -36.84 -1.29
CA LEU B 440 3.01 -38.06 -0.97
C LEU B 440 2.72 -39.22 -1.92
N GLN B 441 1.53 -39.19 -2.56
CA GLN B 441 1.21 -40.13 -3.64
C GLN B 441 2.16 -39.97 -4.80
N ARG B 442 2.41 -38.72 -5.17
CA ARG B 442 3.20 -38.47 -6.35
C ARG B 442 4.71 -38.41 -6.10
N PHE B 443 5.16 -37.93 -4.93
CA PHE B 443 6.60 -37.67 -4.68
C PHE B 443 7.16 -38.32 -3.41
N HIS B 444 8.43 -38.67 -3.46
CA HIS B 444 9.22 -38.95 -2.26
C HIS B 444 9.91 -37.64 -1.84
N LEU B 445 9.66 -37.24 -0.59
CA LEU B 445 10.23 -35.98 -0.04
C LEU B 445 11.45 -36.26 0.84
N HIS B 446 12.53 -35.50 0.60
CA HIS B 446 13.67 -35.50 1.50
C HIS B 446 14.47 -34.17 1.49
N PHE B 447 15.29 -34.01 2.53
CA PHE B 447 16.22 -32.86 2.63
C PHE B 447 17.44 -33.13 1.74
N PRO B 448 17.95 -32.10 1.03
CA PRO B 448 19.16 -32.29 0.23
C PRO B 448 20.39 -32.65 1.07
N HIS B 449 21.15 -33.65 0.61
CA HIS B 449 22.28 -34.23 1.36
C HIS B 449 21.83 -34.74 2.75
N GLU B 450 20.52 -35.00 2.88
CA GLU B 450 19.90 -35.40 4.14
C GLU B 450 20.24 -34.52 5.36
N LEU B 451 20.52 -33.23 5.14
CA LEU B 451 20.80 -32.32 6.26
C LEU B 451 19.48 -31.87 6.90
N VAL B 452 19.35 -32.11 8.20
CA VAL B 452 18.18 -31.68 8.96
C VAL B 452 18.24 -30.17 9.17
N PRO B 453 17.15 -29.46 8.86
CA PRO B 453 17.11 -28.01 9.08
C PRO B 453 16.73 -27.64 10.53
N ASP B 454 16.71 -26.34 10.82
CA ASP B 454 16.26 -25.81 12.10
C ASP B 454 14.77 -26.15 12.33
N LEU B 455 14.48 -26.82 13.45
CA LEU B 455 13.11 -27.25 13.77
C LEU B 455 12.43 -26.37 14.82
N LYS B 456 13.12 -25.32 15.27
CA LYS B 456 12.51 -24.35 16.18
C LYS B 456 11.66 -23.36 15.38
N PRO B 457 10.42 -23.13 15.81
CA PRO B 457 9.57 -22.17 15.10
C PRO B 457 9.99 -20.71 15.25
N ARG B 458 9.46 -19.86 14.37
CA ARG B 458 9.66 -18.43 14.46
C ARG B 458 8.69 -17.89 15.50
N LEU B 459 8.98 -16.67 15.98
CA LEU B 459 8.03 -15.93 16.80
C LEU B 459 6.89 -15.49 15.89
N GLY B 460 5.66 -15.76 16.30
CA GLY B 460 4.51 -15.28 15.56
C GLY B 460 3.25 -15.65 16.26
N MET B 461 2.13 -15.12 15.80
CA MET B 461 0.83 -15.53 16.30
C MET B 461 0.47 -16.94 15.77
N THR B 462 1.16 -17.38 14.72
CA THR B 462 1.14 -18.79 14.28
C THR B 462 2.57 -19.30 14.28
N LEU B 463 2.74 -20.61 14.46
CA LEU B 463 4.07 -21.21 14.40
C LEU B 463 4.35 -21.73 13.01
N GLN B 464 5.38 -21.19 12.39
CA GLN B 464 5.89 -21.69 11.14
C GLN B 464 7.36 -22.05 11.26
N PRO B 465 7.84 -22.96 10.38
CA PRO B 465 9.25 -23.25 10.38
C PRO B 465 10.08 -22.13 9.79
N GLN B 466 11.36 -22.13 10.09
CA GLN B 466 12.30 -21.28 9.39
C GLN B 466 12.36 -21.79 7.98
N PRO B 467 12.82 -20.97 7.02
CA PRO B 467 12.90 -21.48 5.63
C PRO B 467 13.70 -22.78 5.53
N TYR B 468 13.18 -23.76 4.80
CA TYR B 468 13.91 -25.02 4.57
C TYR B 468 13.64 -25.53 3.16
N LEU B 469 14.64 -26.19 2.58
CA LEU B 469 14.57 -26.70 1.24
C LEU B 469 14.18 -28.19 1.23
N ILE B 470 13.52 -28.61 0.16
CA ILE B 470 13.15 -30.01 -0.02
C ILE B 470 13.30 -30.44 -1.47
N CYS B 471 13.80 -31.66 -1.65
CA CYS B 471 13.75 -32.35 -2.93
C CYS B 471 12.51 -33.23 -3.02
N ALA B 472 11.68 -32.98 -4.03
CA ALA B 472 10.53 -33.84 -4.32
C ALA B 472 10.90 -34.67 -5.54
N GLU B 473 10.93 -35.99 -5.37
CA GLU B 473 11.27 -36.92 -6.46
C GLU B 473 10.06 -37.79 -6.78
N ARG B 474 9.60 -37.76 -8.03
CA ARG B 474 8.41 -38.55 -8.41
C ARG B 474 8.65 -40.03 -8.21
N ARG B 475 7.65 -40.70 -7.68
CA ARG B 475 7.78 -42.07 -7.26
C ARG B 475 7.76 -43.05 -8.44
N HIS B 476 6.58 -43.49 -8.86
CA HIS B 476 6.45 -44.69 -9.74
C HIS B 476 6.60 -44.35 -11.22
N HIS B 477 7.73 -43.77 -11.59
CA HIS B 477 7.92 -43.25 -12.94
C HIS B 477 7.96 -44.39 -13.98
N HIS B 478 7.21 -44.21 -15.07
CA HIS B 478 7.20 -45.17 -16.18
C HIS B 478 6.93 -44.47 -17.52
N HIS B 479 7.36 -45.11 -18.61
CA HIS B 479 7.05 -44.66 -19.97
C HIS B 479 5.92 -45.49 -20.59
C1 GLC C . -13.37 14.12 12.68
C2 GLC C . -12.31 15.19 12.99
C3 GLC C . -11.65 14.80 14.31
C4 GLC C . -12.69 14.60 15.42
C5 GLC C . -13.88 13.71 15.00
C6 GLC C . -15.03 13.77 15.99
O2 GLC C . -11.33 15.33 11.94
O3 GLC C . -10.71 15.80 14.71
O4 GLC C . -11.98 14.00 16.51
O5 GLC C . -14.41 14.02 13.68
O6 GLC C . -14.90 12.70 16.95
C1 GLC C . -12.08 14.62 17.80
C2 GLC C . -10.69 14.80 18.43
C3 GLC C . -10.03 13.46 18.70
C4 GLC C . -10.95 12.52 19.48
C5 GLC C . -12.34 12.45 18.86
C6 GLC C . -13.31 11.64 19.72
O2 GLC C . -9.85 15.59 17.58
O3 GLC C . -8.82 13.67 19.43
O4 GLC C . -10.37 11.20 19.52
O5 GLC C . -12.87 13.78 18.67
O6 GLC C . -14.64 12.12 19.56
C1 GLC C . -10.34 10.55 20.81
C2 GLC C . -8.98 9.86 21.06
C3 GLC C . -8.79 8.56 20.28
C4 GLC C . -10.04 7.68 20.16
C5 GLC C . -11.31 8.50 19.98
C6 GLC C . -12.54 7.61 20.11
O2 GLC C . -7.92 10.77 20.73
O3 GLC C . -7.77 7.80 20.95
O4 GLC C . -9.91 6.81 19.01
O5 GLC C . -11.39 9.58 20.92
O6 GLC C . -12.60 6.70 19.00
C1 GLC C . -9.55 5.44 19.25
C2 GLC C . -8.18 5.11 18.64
C3 GLC C . -8.19 4.97 17.12
C4 GLC C . -9.42 4.26 16.55
C5 GLC C . -10.71 4.59 17.29
C6 GLC C . -11.82 3.61 16.88
O2 GLC C . -7.26 6.16 18.99
O3 GLC C . -7.02 4.25 16.73
O4 GLC C . -9.62 4.68 15.20
O5 GLC C . -10.53 4.55 18.71
O6 GLC C . -12.95 4.31 16.37
C1 GLC C . -9.54 3.69 14.17
C2 GLC C . -8.26 3.91 13.36
C3 GLC C . -8.36 4.86 12.15
C4 GLC C . -9.77 5.10 11.58
C5 GLC C . -10.87 4.96 12.64
C6 GLC C . -12.31 5.11 12.12
O2 GLC C . -7.24 4.43 14.24
O3 GLC C . -7.53 4.35 11.12
O4 GLC C . -9.80 6.43 11.03
O5 GLC C . -10.69 3.71 13.32
O6 GLC C . -12.45 4.79 10.73
C1 GLC C . -9.84 6.50 9.59
C2 GLC C . -9.02 7.69 9.07
C3 GLC C . -9.63 9.02 9.50
C4 GLC C . -11.10 9.07 9.07
C5 GLC C . -11.88 7.84 9.54
C6 GLC C . -13.30 7.82 8.98
O2 GLC C . -7.66 7.60 9.50
O3 GLC C . -8.86 10.12 8.96
O4 GLC C . -11.72 10.26 9.57
O5 GLC C . -11.21 6.63 9.15
O6 GLC C . -14.15 8.71 9.72
C1 GLC C . -12.36 11.07 8.56
C2 GLC C . -11.69 12.45 8.48
C3 GLC C . -11.80 13.17 9.81
C4 GLC C . -13.20 13.09 10.45
C5 GLC C . -14.03 11.83 10.13
C6 GLC C . -15.53 12.11 10.16
O2 GLC C . -10.31 12.32 8.13
O3 GLC C . -11.44 14.54 9.59
O4 GLC C . -12.97 13.04 11.84
O5 GLC C . -13.74 11.26 8.85
O6 GLC C . -15.91 12.54 11.47
C1 GLC D . 15.48 3.77 11.77
C2 GLC D . 14.30 2.79 11.59
C3 GLC D . 14.32 1.78 12.76
C4 GLC D . 15.73 1.33 13.18
C5 GLC D . 16.85 2.41 13.10
C6 GLC D . 18.24 1.78 13.23
O2 GLC D . 13.05 3.50 11.55
O3 GLC D . 13.56 0.60 12.46
O4 GLC D . 15.58 0.97 14.56
O5 GLC D . 16.80 3.20 11.90
O6 GLC D . 18.95 2.41 14.31
C1 GLC D . 15.90 -0.37 14.94
C2 GLC D . 14.67 -1.02 15.59
C3 GLC D . 14.39 -0.55 17.03
C4 GLC D . 15.65 -0.23 17.85
C5 GLC D . 16.68 0.52 17.01
C6 GLC D . 17.97 0.83 17.79
O2 GLC D . 13.51 -0.72 14.80
O3 GLC D . 13.61 -1.53 17.73
O4 GLC D . 15.27 0.58 18.97
O5 GLC D . 16.99 -0.29 15.86
O6 GLC D . 18.25 2.24 17.67
C1 GLC D . 15.17 -0.13 20.21
C2 GLC D . 13.82 0.09 20.88
C3 GLC D . 13.59 1.57 21.22
C4 GLC D . 14.78 2.18 21.99
C5 GLC D . 16.16 1.72 21.46
C6 GLC D . 17.28 1.98 22.47
O2 GLC D . 12.76 -0.44 20.06
O3 GLC D . 12.39 1.73 22.00
O4 GLC D . 14.69 3.61 21.87
O5 GLC D . 16.20 0.30 21.13
O6 GLC D . 18.20 2.91 21.90
C1 GLC D . 14.94 4.37 23.08
C2 GLC D . 13.66 5.11 23.49
C3 GLC D . 13.46 6.47 22.82
C4 GLC D . 14.73 7.20 22.48
C5 GLC D . 15.75 6.26 21.88
C6 GLC D . 17.05 6.91 21.40
O2 GLC D . 12.53 4.30 23.17
O3 GLC D . 12.71 7.28 23.70
O4 GLC D . 14.34 8.20 21.54
O5 GLC D . 16.02 5.30 22.89
O6 GLC D . 17.73 7.51 22.51
C1 GLC D . 14.51 9.55 21.95
C2 GLC D . 13.27 10.37 21.59
C3 GLC D . 13.07 10.30 20.07
C4 GLC D . 14.32 10.73 19.31
C5 GLC D . 15.61 10.04 19.84
C6 GLC D . 16.87 10.72 19.34
O2 GLC D . 12.11 9.93 22.34
O3 GLC D . 11.97 11.13 19.63
O4 GLC D . 14.12 10.37 17.95
O5 GLC D . 15.66 10.06 21.28
O6 GLC D . 17.76 9.76 18.75
C1 GLC D . 14.34 11.41 17.00
C2 GLC D . 13.19 11.51 15.97
C3 GLC D . 13.32 10.49 14.81
C4 GLC D . 14.75 10.23 14.38
C5 GLC D . 15.64 9.99 15.59
C6 GLC D . 17.07 9.65 15.18
O2 GLC D . 11.91 11.33 16.64
O3 GLC D . 12.59 10.96 13.65
O4 GLC D . 14.75 9.06 13.58
O5 GLC D . 15.60 11.17 16.38
O6 GLC D . 17.96 9.97 16.25
C1 GLC D . 15.44 9.10 12.34
C2 GLC D . 14.51 8.51 11.30
C3 GLC D . 14.25 7.05 11.64
C4 GLC D . 15.55 6.26 11.80
C5 GLC D . 16.54 6.96 12.73
C6 GLC D . 17.92 6.31 12.67
O2 GLC D . 13.28 9.24 11.31
O3 GLC D . 13.44 6.43 10.62
O4 GLC D . 15.14 5.04 12.40
O5 GLC D . 16.67 8.36 12.43
O6 GLC D . 18.88 7.13 13.34
UNK UNX E . -7.16 22.11 6.52
UNK UNX F . 21.01 20.37 -15.24
UNK UNX G . 24.40 18.56 7.58
UNK UNX H . 24.14 6.49 -23.80
UNK UNX I . -4.48 4.57 -17.59
UNK UNX J . 14.44 22.72 -29.90
UNK UNX K . 4.42 25.76 -24.87
UNK UNX L . -5.78 -1.91 -13.55
UNK UNX M . 3.95 25.71 -5.23
UNK UNX N . 17.34 20.03 -22.86
CHA HEM O . 10.96 20.85 -10.24
CHA HEM O . 11.09 20.78 -10.36
CHB HEM O . 7.53 23.25 -12.77
CHB HEM O . 10.20 16.95 -13.24
CHC HEM O . 6.82 19.36 -15.62
CHC HEM O . 6.68 19.40 -15.55
CHD HEM O . 10.19 16.91 -13.08
CHD HEM O . 7.65 23.32 -12.83
C1A HEM O . 10.09 21.84 -10.68
C1A HEM O . 11.12 19.51 -10.91
C2A HEM O . 9.96 23.17 -10.11
C2A HEM O . 11.92 18.40 -10.44
C3A HEM O . 9.01 23.82 -10.79
C3A HEM O . 11.68 17.34 -11.22
C4A HEM O . 8.51 22.94 -11.83
C4A HEM O . 10.72 17.75 -12.23
CMA HEM O . 8.55 25.27 -10.51
CMA HEM O . 12.32 15.93 -11.07
CAA HEM O . 10.71 23.74 -8.89
CAA HEM O . 12.89 18.43 -9.24
CBA HEM O . 12.22 23.70 -9.02
CBA HEM O . 14.26 18.83 -9.76
CGA HEM O . 12.78 24.32 -7.75
CGA HEM O . 15.25 18.91 -8.63
O1A HEM O . 12.91 23.59 -6.76
O1A HEM O . 16.46 19.01 -8.90
O2A HEM O . 13.06 25.55 -7.72
O2A HEM O . 14.82 18.91 -7.45
C1B HEM O . 7.02 22.43 -13.76
C1B HEM O . 9.26 17.30 -14.18
C2B HEM O . 6.00 22.77 -14.73
C2B HEM O . 8.91 16.55 -15.37
C3B HEM O . 5.79 21.69 -15.53
C3B HEM O . 7.93 17.23 -16.02
C4B HEM O . 6.69 20.63 -15.08
C4B HEM O . 7.62 18.43 -15.23
CMB HEM O . 5.29 24.14 -14.80
CMB HEM O . 9.61 15.23 -15.77
CAB HEM O . 4.82 21.51 -16.74
CAB HEM O . 7.19 16.90 -17.35
CBB HEM O . 3.98 22.47 -17.16
CBB HEM O . 7.45 15.81 -18.09
C1C HEM O . 7.67 18.35 -15.17
C1C HEM O . 6.59 20.68 -15.01
C2C HEM O . 7.77 17.00 -15.72
C2C HEM O . 5.62 21.70 -15.34
C3C HEM O . 8.70 16.32 -15.01
C3C HEM O . 5.89 22.80 -14.57
C4C HEM O . 9.23 17.23 -14.00
C4C HEM O . 7.04 22.48 -13.75
CMC HEM O . 6.92 16.49 -16.92
CMC HEM O . 4.48 21.51 -16.39
CAC HEM O . 9.21 14.86 -15.15
CAC HEM O . 5.15 24.16 -14.52
CBC HEM O . 8.75 14.03 -16.06
CBC HEM O . 4.09 24.44 -15.28
C1D HEM O . 10.71 17.72 -12.08
C1D HEM O . 8.61 22.99 -11.89
C2D HEM O . 11.71 17.31 -11.13
C2D HEM O . 9.05 23.87 -10.83
C3D HEM O . 11.96 18.54 -10.25
C3D HEM O . 10.11 23.09 -10.07
C4D HEM O . 11.07 19.57 -10.75
C4D HEM O . 10.22 21.82 -10.73
CMD HEM O . 12.40 15.92 -11.00
CMD HEM O . 8.55 25.30 -10.50
CAD HEM O . 12.94 18.64 -9.08
CAD HEM O . 10.84 23.61 -8.82
CBD HEM O . 14.34 18.77 -9.67
CBD HEM O . 12.35 23.63 -9.00
CGD HEM O . 15.35 18.90 -8.57
CGD HEM O . 12.92 24.29 -7.77
O1D HEM O . 16.57 18.93 -8.87
O1D HEM O . 12.64 23.78 -6.67
O2D HEM O . 14.96 18.98 -7.40
O2D HEM O . 13.64 25.32 -7.88
NA HEM O . 9.18 21.74 -11.73
NA HEM O . 10.40 19.07 -12.00
NB HEM O . 7.40 21.13 -14.01
NB HEM O . 8.45 18.43 -14.13
NC HEM O . 8.57 18.44 -14.14
NC HEM O . 7.43 21.19 -14.04
ND HEM O . 10.36 19.05 -11.83
ND HEM O . 9.32 21.80 -11.80
FE HEM O . 8.92 20.08 -13.02
FE HEM O . 9.10 20.20 -13.23
C1B D2V P . 5.59 19.94 -9.15
C1W D2V P . 5.45 19.14 -7.83
C1C D2V P . 4.20 18.24 -7.81
C1X D2V P . 5.51 20.09 -6.59
C1D D2V P . 4.59 21.29 -6.79
C1J D2V P . 5.14 19.33 -5.27
C1K D2V P . 6.16 18.80 -4.50
C1Y D2V P . 5.90 18.05 -3.17
C1E D2V P . 5.16 18.94 -2.12
C2B D2V P . 5.19 16.70 -3.43
C1Q D2V P . 5.88 15.90 -4.59
C1P D2V P . 6.06 14.46 -4.05
C2A D2V P . 4.99 14.43 -2.96
C2C D2V P . 5.32 15.75 -2.22
C1F D2V P . 6.74 15.75 -1.58
C1R D2V P . 4.28 15.97 -1.15
C1L D2V P . 4.41 14.86 -0.07
C1M D2V P . 4.30 13.43 -0.62
C1V D2V P . 5.05 13.25 -1.96
C1I D2V P . 5.75 12.06 -2.26
C1H D2V P . 5.82 10.96 -1.38
C1U D2V P . 6.54 9.75 -1.63
C1S D2V P . 6.49 8.64 -0.59
C1Z D2V P . 5.91 7.35 -1.22
O1G D2V P . 4.51 7.46 -1.33
C1O D2V P . 6.54 7.03 -2.62
C1N D2V P . 6.69 8.25 -3.57
C1T D2V P . 7.18 9.45 -2.83
C1A D2V P . 8.23 10.18 -3.38
UNK UNX Q . 10.97 -5.85 18.18
UNK UNX R . 8.48 -11.69 33.38
UNK UNX S . -12.39 -8.01 13.50
UNK UNX T . -21.30 -21.71 14.45
UNK UNX U . 9.81 -35.07 -9.54
UNK UNX V . -1.00 -10.66 -11.18
UNK UNX W . 6.47 -14.03 7.62
UNK UNX X . -7.51 -6.67 -7.34
UNK UNX Y . -6.47 -17.04 23.04
UNK UNX Z . -1.33 -21.48 -11.69
UNK UNX AA . -7.41 -34.25 8.16
CHA HEM BA . -10.46 -19.25 14.71
CHA HEM BA . -10.51 -19.18 14.60
CHB HEM BA . -7.08 -22.67 14.13
CHB HEM BA . -11.07 -19.20 9.77
CHC HEM BA . -8.19 -22.90 9.38
CHC HEM BA . -7.95 -22.93 9.48
CHD HEM BA . -11.20 -19.11 9.85
CHD HEM BA . -7.11 -22.69 14.26
C1A HEM BA . -9.45 -20.16 14.99
C1A HEM BA . -10.90 -18.84 13.32
C2A HEM BA . -8.84 -20.43 16.28
C2A HEM BA . -11.71 -17.71 12.96
C3A HEM BA . -7.92 -21.36 16.10
C3A HEM BA . -11.87 -17.70 11.64
C4A HEM BA . -7.90 -21.73 14.70
C4A HEM BA . -11.15 -18.84 11.10
CMA HEM BA . -7.00 -21.96 17.20
CMA HEM BA . -12.67 -16.66 10.81
CAA HEM BA . -9.14 -19.77 17.66
CAA HEM BA . -12.31 -16.67 13.95
CBA HEM BA . -10.62 -19.61 18.01
CBA HEM BA . -13.69 -17.18 14.34
CGA HEM BA . -10.72 -18.85 19.32
CGA HEM BA . -14.37 -16.21 15.28
O1A HEM BA . -10.28 -17.68 19.35
O1A HEM BA . -13.69 -15.53 16.08
O2A HEM BA . -11.24 -19.41 20.33
O2A HEM BA . -15.64 -16.14 15.22
C1B HEM BA . -7.09 -23.03 12.79
C1B HEM BA . -10.35 -20.27 9.28
C2B HEM BA . -6.25 -24.05 12.20
C2B HEM BA . -10.45 -20.81 7.96
C3B HEM BA . -6.54 -24.11 10.89
C3B HEM BA . -9.58 -21.86 7.86
C4B HEM BA . -7.60 -23.13 10.62
C4B HEM BA . -8.91 -21.99 9.15
CMB HEM BA . -5.19 -24.88 12.96
CMB HEM BA . -11.41 -20.27 6.87
CAB HEM BA . -5.93 -25.03 9.80
CAB HEM BA . -9.29 -22.79 6.67
CBB HEM BA . -4.96 -25.92 10.04
CBB HEM BA . -9.92 -22.67 5.49
C1C HEM BA . -9.08 -21.89 9.09
C1C HEM BA . -7.43 -23.16 10.73
C2C HEM BA . -9.64 -21.59 7.79
C2C HEM BA . -6.37 -24.12 11.06
C3C HEM BA . -10.48 -20.52 7.92
C3C HEM BA . -6.14 -24.06 12.38
C4C HEM BA . -10.48 -20.15 9.31
C4C HEM BA . -7.04 -23.06 12.93
CMC HEM BA . -9.30 -22.36 6.50
CMC HEM BA . -5.67 -25.04 10.03
CAC HEM BA . -11.34 -19.79 6.86
CAC HEM BA . -5.12 -24.86 13.23
CBC HEM BA . -11.34 -20.12 5.57
CBC HEM BA . -4.30 -25.78 12.72
C1D HEM BA . -11.26 -18.77 11.18
C1D HEM BA . -7.91 -21.71 14.79
C2D HEM BA . -12.01 -17.67 11.72
C2D HEM BA . -7.88 -21.28 16.17
C3D HEM BA . -11.77 -17.73 13.24
C3D HEM BA . -8.93 -20.19 16.29
C4D HEM BA . -10.92 -18.85 13.47
C4D HEM BA . -9.51 -20.05 14.96
CMD HEM BA . -12.86 -16.64 10.94
CMD HEM BA . -6.97 -21.81 17.29
CAD HEM BA . -12.37 -16.75 14.27
CAD HEM BA . -9.25 -19.40 17.58
CBD HEM BA . -13.88 -16.92 14.27
CBD HEM BA . -10.72 -19.48 17.97
CGD HEM BA . -14.49 -16.12 15.39
CGD HEM BA . -10.91 -18.74 19.27
O1D HEM BA . -15.50 -16.59 15.96
O1D HEM BA . -10.42 -19.23 20.32
O2D HEM BA . -13.96 -15.02 15.69
O2D HEM BA . -11.55 -17.67 19.26
NA HEM BA . -8.86 -20.98 14.06
NA HEM BA . -10.57 -19.53 12.15
NB HEM BA . -7.90 -22.50 11.81
NB HEM BA . -9.41 -21.01 9.99
NC HEM BA . -9.63 -20.99 9.99
NC HEM BA . -7.80 -22.53 11.90
ND HEM BA . -10.64 -19.47 12.24
ND HEM BA . -8.89 -20.98 14.12
FE HEM BA . -9.44 -21.02 12.01
FE HEM BA . -9.31 -21.10 12.03
C1B D2V CA . -5.96 -17.68 12.69
C1W D2V CA . -5.29 -16.29 12.67
C1C D2V CA . -4.18 -16.16 11.62
C1X D2V CA . -4.78 -15.90 14.08
C1D D2V CA . -3.66 -16.82 14.58
C1J D2V CA . -4.29 -14.43 14.09
C1K D2V CA . -5.18 -13.41 14.39
C1Y D2V CA . -4.76 -11.92 14.43
C1E D2V CA . -3.59 -11.71 15.42
C2B D2V CA . -4.48 -11.41 13.01
C1Q D2V CA . -5.65 -11.75 12.02
C1P D2V CA . -5.89 -10.47 11.17
C2A D2V CA . -4.58 -9.71 11.42
C2C D2V CA . -4.39 -9.88 12.90
C1F D2V CA . -5.48 -9.15 13.71
C1R D2V CA . -3.00 -9.34 13.25
C1L D2V CA . -2.84 -7.82 12.91
C1M D2V CA . -3.55 -7.31 11.64
C1V D2V CA . -4.62 -8.23 11.04
C1I D2V CA . -5.60 -7.74 10.16
C1H D2V CA . -5.67 -6.40 9.78
C1U D2V CA . -6.65 -5.88 8.90
C1S D2V CA . -6.61 -4.38 8.53
C1Z D2V CA . -6.47 -4.26 7.01
O1G D2V CA . -5.15 -4.72 6.66
C1O D2V CA . -7.57 -5.09 6.25
C1N D2V CA . -7.76 -6.55 6.74
C1T D2V CA . -7.62 -6.66 8.26
C1A D2V CA . -8.48 -7.49 8.96
#